data_5SNG
#
_entry.id   5SNG
#
_cell.length_a   137.595
_cell.length_b   65.130
_cell.length_c   84.191
_cell.angle_alpha   90.000
_cell.angle_beta   93.210
_cell.angle_gamma   90.000
#
_symmetry.space_group_name_H-M   'C 1 2 1'
#
loop_
_entity.id
_entity.type
_entity.pdbx_description
1 polymer '3-oxoacyl-[acyl-carrier-protein] synthase 2'
2 non-polymer N-[(1H-pyrazol-4-yl)methyl]acetamide
3 non-polymer 'DIMETHYL SULFOXIDE'
4 non-polymer 'PHOSPHATE ION'
5 water water
#
_entity_poly.entity_id   1
_entity_poly.type   'polypeptide(L)'
_entity_poly.pdbx_seq_one_letter_code
;MSRRRVVITGMGMLSPLGLDVPSSWEGILAGRSGIAPIEHMDLSAYSTRFGGSVKGFNVEEYLSAKEARKLDLFIQYGLA
ASFQAVRDSGLEVTDANRERIGVSMGSGIGGLTNIENNCRSLFEQGPRRISPFFVPGSIINMVSGFLSIHLGLQGPNYAL
TTAQTTGTHSIGMAARNIAYGEADVMVAGGSEMAACGLGLGGFGAARALSTRNDEPTRASRPWDRDRDGFVLSDGSGALV
LEELEHARARGARIYAELVGFGMSGDAFHMTAPPEDGAGAARCMKNALRDAGLDPRQVDYINAHGTSTPAGDIAEIAAVK
SVFGEHAHALSMSSTKSMTGHLLGAAGAVEAIFSVLALRDQVAPPTINLDNPDEGCDLDLVAHEAKPRKIDVALSNSFGF
GGTNGTLVFRRFAD
;
_entity_poly.pdbx_strand_id   A,B
#
loop_
_chem_comp.id
_chem_comp.type
_chem_comp.name
_chem_comp.formula
DMS non-polymer 'DIMETHYL SULFOXIDE' 'C2 H6 O S'
PO4 non-polymer 'PHOSPHATE ION' 'O4 P -3'
UV7 non-polymer N-[(1H-pyrazol-4-yl)methyl]acetamide 'C6 H9 N3 O'
#
# COMPACT_ATOMS: atom_id res chain seq x y z
N SER A 2 -10.93 24.16 -0.16
CA SER A 2 -9.71 24.57 0.60
C SER A 2 -9.56 23.70 1.85
N ARG A 3 -8.35 23.67 2.42
CA ARG A 3 -7.86 22.59 3.32
C ARG A 3 -8.63 22.60 4.65
N ARG A 4 -9.29 21.49 4.99
CA ARG A 4 -10.10 21.40 6.23
C ARG A 4 -9.26 20.82 7.36
N ARG A 5 -9.66 21.05 8.60
CA ARG A 5 -8.91 20.58 9.80
C ARG A 5 -9.35 19.13 10.12
N VAL A 6 -8.48 18.37 10.79
CA VAL A 6 -8.68 16.90 11.02
C VAL A 6 -8.40 16.58 12.48
N VAL A 7 -9.34 15.89 13.14
CA VAL A 7 -9.19 15.55 14.58
C VAL A 7 -9.35 14.04 14.76
N ILE A 8 -8.94 13.55 15.93
CA ILE A 8 -9.05 12.13 16.35
C ILE A 8 -10.19 11.99 17.34
N THR A 9 -11.17 11.14 17.01
CA THR A 9 -12.45 10.95 17.75
C THR A 9 -12.58 9.49 18.20
N GLY A 10 -11.62 8.63 17.84
CA GLY A 10 -11.67 7.19 18.14
C GLY A 10 -10.33 6.55 17.93
N MET A 11 -10.00 5.60 18.81
CA MET A 11 -8.70 4.88 18.76
C MET A 11 -8.94 3.42 19.19
N GLY A 12 -8.13 2.52 18.67
CA GLY A 12 -8.25 1.07 18.91
C GLY A 12 -6.91 0.40 18.72
N MET A 13 -6.69 -0.71 19.42
CA MET A 13 -5.34 -1.29 19.53
C MET A 13 -5.36 -2.74 20.03
N LEU A 14 -4.51 -3.55 19.41
CA LEU A 14 -3.90 -4.78 19.96
C LEU A 14 -2.37 -4.57 20.00
N SER A 15 -1.76 -4.84 21.15
CA SER A 15 -0.32 -4.68 21.36
C SER A 15 0.16 -5.80 22.28
N PRO A 16 1.49 -6.00 22.36
CA PRO A 16 2.05 -6.95 23.33
C PRO A 16 1.77 -6.56 24.80
N LEU A 17 1.19 -5.38 25.04
CA LEU A 17 0.90 -4.87 26.42
C LEU A 17 -0.58 -5.00 26.73
N GLY A 18 -1.46 -5.18 25.72
CA GLY A 18 -2.90 -5.28 25.97
C GLY A 18 -3.75 -5.49 24.71
N LEU A 19 -5.00 -5.91 24.94
CA LEU A 19 -6.02 -6.19 23.89
C LEU A 19 -6.87 -4.93 23.66
N ASP A 20 -6.46 -3.77 24.17
CA ASP A 20 -7.11 -2.48 23.84
C ASP A 20 -6.17 -1.33 24.19
N VAL A 21 -6.63 -0.11 23.97
CA VAL A 21 -5.86 1.14 24.19
C VAL A 21 -5.65 1.34 25.69
N PRO A 22 -6.70 1.34 26.55
CA PRO A 22 -6.53 1.61 27.98
C PRO A 22 -5.51 0.67 28.62
N SER A 23 -5.70 -0.65 28.43
CA SER A 23 -4.82 -1.72 28.97
C SER A 23 -3.38 -1.52 28.46
N SER A 24 -3.20 -1.31 27.14
CA SER A 24 -1.87 -1.04 26.54
C SER A 24 -1.24 0.20 27.20
N TRP A 25 -1.99 1.31 27.29
CA TRP A 25 -1.49 2.62 27.79
C TRP A 25 -1.05 2.53 29.27
N GLU A 26 -1.76 1.75 30.08
N GLU A 26 -1.76 1.74 30.07
CA GLU A 26 -1.39 1.49 31.49
CA GLU A 26 -1.40 1.49 31.50
C GLU A 26 -0.01 0.83 31.54
C GLU A 26 -0.03 0.81 31.57
N GLY A 27 0.27 -0.08 30.61
CA GLY A 27 1.55 -0.81 30.57
C GLY A 27 2.69 0.12 30.20
N ILE A 28 2.43 1.01 29.24
CA ILE A 28 3.38 2.05 28.76
C ILE A 28 3.76 2.94 29.93
N LEU A 29 2.80 3.43 30.70
CA LEU A 29 3.09 4.43 31.77
C LEU A 29 3.72 3.71 32.95
N ALA A 30 3.48 2.39 33.11
CA ALA A 30 4.08 1.57 34.18
C ALA A 30 5.45 0.99 33.75
N GLY A 31 5.85 1.18 32.49
CA GLY A 31 7.18 0.75 32.01
C GLY A 31 7.27 -0.77 31.89
N ARG A 32 6.15 -1.43 31.66
CA ARG A 32 6.05 -2.91 31.58
C ARG A 32 6.49 -3.31 30.17
N SER A 33 7.24 -4.42 30.03
CA SER A 33 7.64 -5.02 28.73
C SER A 33 6.58 -6.03 28.32
N GLY A 34 6.21 -6.03 27.04
CA GLY A 34 5.33 -7.04 26.45
C GLY A 34 6.14 -8.10 25.75
N ILE A 35 7.44 -8.20 26.03
CA ILE A 35 8.38 -9.04 25.23
C ILE A 35 8.68 -10.31 26.01
N ALA A 36 8.56 -11.46 25.36
CA ALA A 36 8.66 -12.80 25.99
C ALA A 36 9.06 -13.80 24.93
N PRO A 37 9.67 -14.94 25.34
CA PRO A 37 9.93 -16.02 24.41
C PRO A 37 8.60 -16.32 23.71
N ILE A 38 8.65 -16.65 22.43
CA ILE A 38 7.49 -16.95 21.58
C ILE A 38 7.04 -18.40 21.89
N GLU A 39 5.75 -18.58 22.07
CA GLU A 39 5.12 -19.90 22.42
C GLU A 39 4.49 -20.58 21.21
N HIS A 40 4.11 -19.87 20.14
CA HIS A 40 3.22 -20.43 19.08
C HIS A 40 3.99 -21.28 18.06
N MET A 41 5.30 -21.49 18.24
CA MET A 41 6.10 -22.30 17.29
C MET A 41 7.45 -22.64 17.91
N ASP A 42 8.13 -23.66 17.36
CA ASP A 42 9.45 -24.15 17.82
C ASP A 42 10.58 -23.34 17.15
N LEU A 43 11.28 -22.49 17.92
CA LEU A 43 12.28 -21.54 17.36
C LEU A 43 13.69 -22.00 17.72
N SER A 44 13.89 -23.27 18.10
CA SER A 44 15.22 -23.70 18.61
C SER A 44 16.28 -23.58 17.49
N ALA A 45 15.92 -23.66 16.20
CA ALA A 45 16.85 -23.52 15.06
C ALA A 45 17.13 -22.04 14.68
N TYR A 46 16.45 -21.08 15.32
CA TYR A 46 16.49 -19.63 15.00
C TYR A 46 17.40 -18.92 16.00
N SER A 47 18.04 -17.83 15.55
CA SER A 47 18.97 -17.03 16.39
C SER A 47 18.18 -16.04 17.28
N THR A 48 16.91 -15.76 16.94
CA THR A 48 15.94 -15.02 17.81
C THR A 48 14.70 -15.87 18.10
N ARG A 49 14.38 -16.01 19.39
CA ARG A 49 13.34 -16.95 19.88
C ARG A 49 12.23 -16.23 20.66
N PHE A 50 12.19 -14.91 20.64
CA PHE A 50 11.30 -14.05 21.47
C PHE A 50 10.81 -12.89 20.61
N GLY A 51 9.75 -12.22 21.09
CA GLY A 51 9.04 -11.11 20.43
C GLY A 51 7.90 -10.58 21.29
N GLY A 52 7.23 -9.54 20.79
CA GLY A 52 5.97 -9.01 21.36
C GLY A 52 4.75 -9.67 20.74
N SER A 53 4.27 -10.73 21.36
CA SER A 53 3.07 -11.46 20.88
C SER A 53 1.89 -10.73 21.46
N VAL A 54 0.78 -10.69 20.72
CA VAL A 54 -0.55 -10.33 21.29
C VAL A 54 -1.00 -11.53 22.13
N LYS A 55 -1.24 -11.35 23.42
CA LYS A 55 -1.52 -12.45 24.38
C LYS A 55 -3.03 -12.56 24.63
N GLY A 56 -3.62 -13.74 24.42
CA GLY A 56 -5.05 -13.98 24.76
C GLY A 56 -6.04 -13.30 23.80
N PHE A 57 -5.63 -12.96 22.58
CA PHE A 57 -6.54 -12.39 21.58
C PHE A 57 -7.69 -13.38 21.34
N ASN A 58 -8.91 -12.93 21.58
CA ASN A 58 -10.16 -13.66 21.25
C ASN A 58 -10.83 -13.02 20.04
N VAL A 59 -10.59 -13.56 18.85
CA VAL A 59 -11.22 -13.03 17.60
C VAL A 59 -12.75 -13.09 17.68
N GLU A 60 -13.34 -14.00 18.45
CA GLU A 60 -14.83 -14.15 18.56
C GLU A 60 -15.43 -13.05 19.44
N GLU A 61 -14.64 -12.08 19.90
CA GLU A 61 -15.16 -10.78 20.39
C GLU A 61 -15.51 -9.88 19.22
N TYR A 62 -15.16 -10.24 17.98
CA TYR A 62 -15.23 -9.34 16.81
C TYR A 62 -15.94 -10.03 15.65
N LEU A 63 -15.60 -11.27 15.37
CA LEU A 63 -15.93 -11.96 14.09
C LEU A 63 -16.41 -13.37 14.41
N SER A 64 -17.26 -13.91 13.55
CA SER A 64 -17.65 -15.34 13.56
C SER A 64 -16.40 -16.19 13.34
N ALA A 65 -16.27 -17.28 14.10
CA ALA A 65 -15.18 -18.28 13.93
C ALA A 65 -15.09 -18.65 12.45
N LYS A 66 -16.22 -18.75 11.75
CA LYS A 66 -16.26 -19.21 10.33
C LYS A 66 -15.56 -18.20 9.40
N GLU A 67 -15.75 -16.89 9.64
N GLU A 67 -15.76 -16.90 9.65
CA GLU A 67 -15.09 -15.81 8.88
CA GLU A 67 -15.07 -15.83 8.89
C GLU A 67 -13.63 -15.72 9.31
C GLU A 67 -13.61 -15.77 9.32
N ALA A 68 -13.36 -15.73 10.62
CA ALA A 68 -12.01 -15.60 11.20
C ALA A 68 -11.05 -16.65 10.65
N ARG A 69 -11.53 -17.89 10.50
N ARG A 69 -11.54 -17.89 10.49
CA ARG A 69 -10.72 -19.03 9.99
CA ARG A 69 -10.74 -19.04 10.00
C ARG A 69 -10.17 -18.71 8.60
C ARG A 69 -10.22 -18.76 8.59
N LYS A 70 -10.87 -17.86 7.83
CA LYS A 70 -10.46 -17.51 6.45
C LYS A 70 -9.37 -16.43 6.40
N LEU A 71 -9.02 -15.80 7.53
CA LEU A 71 -8.26 -14.52 7.51
C LEU A 71 -6.93 -14.71 8.24
N ASP A 72 -5.85 -14.17 7.70
CA ASP A 72 -4.54 -14.14 8.40
C ASP A 72 -4.72 -13.38 9.72
N LEU A 73 -3.87 -13.66 10.71
CA LEU A 73 -3.94 -12.91 11.98
C LEU A 73 -3.80 -11.42 11.75
N PHE A 74 -2.96 -10.95 10.80
CA PHE A 74 -2.77 -9.48 10.60
C PHE A 74 -4.14 -8.84 10.27
N ILE A 75 -4.99 -9.54 9.52
CA ILE A 75 -6.32 -9.01 9.15
C ILE A 75 -7.19 -9.06 10.39
N GLN A 76 -7.20 -10.18 11.11
CA GLN A 76 -7.95 -10.27 12.37
C GLN A 76 -7.51 -9.11 13.29
N TYR A 77 -6.22 -8.83 13.40
CA TYR A 77 -5.69 -7.79 14.30
C TYR A 77 -6.15 -6.39 13.83
N GLY A 78 -6.12 -6.15 12.52
CA GLY A 78 -6.50 -4.85 11.92
C GLY A 78 -7.98 -4.54 12.08
N LEU A 79 -8.82 -5.56 11.85
CA LEU A 79 -10.28 -5.53 12.10
C LEU A 79 -10.56 -5.26 13.60
N ALA A 80 -9.84 -5.91 14.51
CA ALA A 80 -10.09 -5.78 15.95
C ALA A 80 -9.86 -4.32 16.34
N ALA A 81 -8.71 -3.76 15.95
CA ALA A 81 -8.37 -2.35 16.25
C ALA A 81 -9.32 -1.38 15.55
N SER A 82 -9.69 -1.65 14.29
CA SER A 82 -10.69 -0.85 13.52
C SER A 82 -12.03 -0.85 14.26
N PHE A 83 -12.59 -2.01 14.59
CA PHE A 83 -13.90 -2.09 15.29
C PHE A 83 -13.80 -1.30 16.59
N GLN A 84 -12.70 -1.43 17.34
CA GLN A 84 -12.56 -0.71 18.64
C GLN A 84 -12.62 0.78 18.36
N ALA A 85 -11.92 1.23 17.32
CA ALA A 85 -11.74 2.68 17.05
C ALA A 85 -13.11 3.27 16.66
N VAL A 86 -13.85 2.56 15.83
CA VAL A 86 -15.17 3.05 15.34
C VAL A 86 -16.16 3.11 16.51
N ARG A 87 -16.21 2.07 17.35
N ARG A 87 -16.21 2.08 17.36
CA ARG A 87 -17.05 2.05 18.58
CA ARG A 87 -17.07 2.08 18.57
C ARG A 87 -16.65 3.24 19.47
C ARG A 87 -16.67 3.23 19.49
N ASP A 88 -15.35 3.41 19.69
CA ASP A 88 -14.79 4.50 20.54
C ASP A 88 -15.22 5.87 19.98
N SER A 89 -15.44 6.00 18.66
CA SER A 89 -15.77 7.30 18.02
C SER A 89 -17.24 7.65 18.26
N GLY A 90 -18.10 6.66 18.54
CA GLY A 90 -19.56 6.83 18.67
C GLY A 90 -20.22 7.17 17.33
N LEU A 91 -19.49 7.05 16.22
CA LEU A 91 -20.05 7.48 14.92
C LEU A 91 -21.06 6.41 14.49
N GLU A 92 -22.19 6.83 13.91
CA GLU A 92 -23.18 5.91 13.28
C GLU A 92 -23.06 6.07 11.77
N VAL A 93 -22.85 4.96 11.08
CA VAL A 93 -22.81 4.87 9.60
C VAL A 93 -24.24 4.80 9.08
N THR A 94 -24.61 5.69 8.16
CA THR A 94 -25.98 5.76 7.58
C THR A 94 -25.87 5.90 6.06
N ASP A 95 -26.99 5.75 5.33
CA ASP A 95 -27.02 6.05 3.89
C ASP A 95 -26.57 7.50 3.68
N ALA A 96 -26.82 8.37 4.64
CA ALA A 96 -26.55 9.82 4.48
C ALA A 96 -25.04 10.06 4.47
N ASN A 97 -24.23 9.23 5.10
CA ASN A 97 -22.79 9.54 5.32
C ASN A 97 -21.89 8.38 4.87
N ARG A 98 -22.44 7.26 4.44
CA ARG A 98 -21.58 6.07 4.25
C ARG A 98 -20.63 6.37 3.10
N GLU A 99 -21.02 7.23 2.15
CA GLU A 99 -20.16 7.48 0.96
C GLU A 99 -19.02 8.42 1.36
N ARG A 100 -19.07 9.02 2.54
CA ARG A 100 -18.07 9.99 3.03
C ARG A 100 -17.19 9.35 4.10
N ILE A 101 -17.22 8.03 4.25
CA ILE A 101 -16.40 7.31 5.28
C ILE A 101 -15.57 6.23 4.56
N GLY A 102 -14.26 6.31 4.71
CA GLY A 102 -13.33 5.37 4.07
C GLY A 102 -12.39 4.76 5.06
N VAL A 103 -11.42 3.99 4.55
CA VAL A 103 -10.53 3.19 5.41
C VAL A 103 -9.19 3.06 4.69
N SER A 104 -8.13 3.25 5.46
CA SER A 104 -6.74 3.06 5.00
C SER A 104 -5.99 2.38 6.13
N MET A 105 -6.12 1.06 6.18
CA MET A 105 -5.36 0.21 7.13
C MET A 105 -4.32 -0.57 6.32
N GLY A 106 -3.07 -0.48 6.75
CA GLY A 106 -1.93 -0.97 5.99
C GLY A 106 -1.20 -2.07 6.75
N SER A 107 -0.23 -2.67 6.08
CA SER A 107 0.70 -3.66 6.68
C SER A 107 2.04 -3.61 5.92
N GLY A 108 3.14 -3.90 6.60
CA GLY A 108 4.47 -3.94 5.93
C GLY A 108 4.62 -5.20 5.08
N ILE A 109 4.24 -6.34 5.64
CA ILE A 109 4.49 -7.70 5.08
C ILE A 109 3.14 -8.40 4.77
N GLY A 110 2.09 -8.14 5.56
CA GLY A 110 0.77 -8.75 5.35
C GLY A 110 0.77 -10.19 5.80
N GLY A 111 0.22 -11.11 5.01
CA GLY A 111 -0.30 -12.38 5.53
C GLY A 111 0.76 -13.47 5.49
N LEU A 112 1.91 -13.22 6.11
CA LEU A 112 3.12 -14.03 5.85
C LEU A 112 2.90 -15.43 6.44
N THR A 113 2.30 -15.53 7.64
CA THR A 113 1.92 -16.83 8.27
C THR A 113 1.02 -17.62 7.32
N ASN A 114 -0.03 -16.96 6.84
CA ASN A 114 -0.99 -17.62 5.92
C ASN A 114 -0.22 -18.08 4.70
N ILE A 115 0.69 -17.28 4.19
CA ILE A 115 1.38 -17.62 2.92
C ILE A 115 2.33 -18.81 3.18
N GLU A 116 2.92 -18.87 4.36
CA GLU A 116 3.86 -19.95 4.75
C GLU A 116 3.06 -21.25 4.80
N ASN A 117 1.95 -21.25 5.51
CA ASN A 117 1.06 -22.42 5.72
C ASN A 117 0.61 -22.98 4.38
N ASN A 118 0.10 -22.14 3.49
CA ASN A 118 -0.32 -22.59 2.14
C ASN A 118 0.90 -23.04 1.36
N CYS A 119 2.05 -22.39 1.54
CA CYS A 119 3.29 -22.78 0.85
C CYS A 119 3.68 -24.21 1.26
N ARG A 120 3.61 -24.52 2.55
CA ARG A 120 3.82 -25.86 3.12
C ARG A 120 2.87 -26.87 2.43
N SER A 121 1.56 -26.60 2.43
CA SER A 121 0.51 -27.41 1.75
C SER A 121 0.88 -27.65 0.29
N LEU A 122 1.34 -26.62 -0.42
CA LEU A 122 1.72 -26.71 -1.84
C LEU A 122 2.86 -27.71 -2.02
N PHE A 123 3.87 -27.67 -1.16
CA PHE A 123 5.16 -28.35 -1.42
C PHE A 123 5.05 -29.78 -0.92
N GLU A 124 4.33 -29.96 0.20
CA GLU A 124 4.18 -31.26 0.89
C GLU A 124 3.06 -32.04 0.22
N GLN A 125 1.94 -31.41 -0.16
CA GLN A 125 0.74 -32.12 -0.67
C GLN A 125 0.51 -31.80 -2.16
N GLY A 126 0.41 -30.53 -2.53
CA GLY A 126 0.14 -30.12 -3.92
C GLY A 126 -0.78 -28.91 -3.96
N PRO A 127 -0.96 -28.30 -5.17
CA PRO A 127 -1.74 -27.08 -5.32
C PRO A 127 -3.19 -27.23 -4.91
N ARG A 128 -3.72 -28.45 -5.02
CA ARG A 128 -5.13 -28.77 -4.70
C ARG A 128 -5.37 -28.63 -3.19
N ARG A 129 -4.34 -28.58 -2.34
CA ARG A 129 -4.57 -28.32 -0.89
C ARG A 129 -4.43 -26.81 -0.57
N ILE A 130 -4.26 -25.92 -1.55
CA ILE A 130 -4.20 -24.45 -1.25
C ILE A 130 -5.62 -23.99 -0.91
N SER A 131 -5.80 -23.32 0.23
CA SER A 131 -7.08 -22.71 0.68
C SER A 131 -7.69 -21.88 -0.43
N PRO A 132 -9.01 -22.01 -0.72
CA PRO A 132 -9.69 -21.10 -1.65
C PRO A 132 -9.68 -19.63 -1.17
N PHE A 133 -9.37 -19.40 0.11
CA PHE A 133 -9.33 -18.06 0.75
C PHE A 133 -7.89 -17.53 0.83
N PHE A 134 -6.91 -18.23 0.26
CA PHE A 134 -5.48 -17.85 0.30
C PHE A 134 -5.31 -16.36 -0.09
N VAL A 135 -5.83 -15.96 -1.25
CA VAL A 135 -5.65 -14.57 -1.77
C VAL A 135 -6.41 -13.59 -0.90
N PRO A 136 -7.77 -13.67 -0.80
CA PRO A 136 -8.50 -12.65 -0.06
C PRO A 136 -8.19 -12.74 1.45
N GLY A 137 -7.60 -13.84 1.89
CA GLY A 137 -7.28 -14.02 3.32
C GLY A 137 -5.86 -13.58 3.68
N SER A 138 -5.04 -13.15 2.71
CA SER A 138 -3.60 -12.87 2.94
C SER A 138 -3.19 -11.48 2.45
N ILE A 139 -3.76 -10.97 1.36
CA ILE A 139 -3.27 -9.70 0.72
C ILE A 139 -3.65 -8.47 1.54
N ILE A 140 -2.83 -7.42 1.46
CA ILE A 140 -2.74 -6.35 2.50
C ILE A 140 -4.02 -5.50 2.52
N ASN A 141 -4.71 -5.35 1.36
CA ASN A 141 -5.82 -4.37 1.26
C ASN A 141 -7.08 -4.92 1.91
N MET A 142 -7.05 -6.12 2.49
CA MET A 142 -8.28 -6.80 2.93
C MET A 142 -8.62 -6.41 4.36
N VAL A 143 -7.75 -5.65 5.04
CA VAL A 143 -8.25 -5.03 6.30
C VAL A 143 -9.25 -3.94 5.88
N SER A 144 -8.86 -3.12 4.91
CA SER A 144 -9.72 -2.03 4.37
C SER A 144 -11.00 -2.62 3.77
N GLY A 145 -10.86 -3.74 3.06
CA GLY A 145 -11.97 -4.41 2.38
C GLY A 145 -12.95 -4.97 3.38
N PHE A 146 -12.48 -5.82 4.29
CA PHE A 146 -13.36 -6.53 5.24
C PHE A 146 -14.01 -5.47 6.12
N LEU A 147 -13.30 -4.39 6.45
CA LEU A 147 -13.87 -3.36 7.34
C LEU A 147 -15.01 -2.68 6.61
N SER A 148 -14.78 -2.28 5.36
N SER A 148 -14.77 -2.27 5.36
CA SER A 148 -15.79 -1.63 4.50
CA SER A 148 -15.77 -1.65 4.46
C SER A 148 -17.03 -2.52 4.36
C SER A 148 -17.03 -2.52 4.36
N ILE A 149 -16.84 -3.83 4.18
CA ILE A 149 -17.94 -4.82 3.99
C ILE A 149 -18.75 -4.96 5.28
N HIS A 150 -18.09 -5.00 6.45
CA HIS A 150 -18.76 -5.21 7.77
C HIS A 150 -19.51 -3.96 8.21
N LEU A 151 -18.98 -2.77 7.94
CA LEU A 151 -19.59 -1.52 8.44
C LEU A 151 -20.32 -0.78 7.32
N GLY A 152 -20.16 -1.18 6.06
CA GLY A 152 -20.79 -0.45 4.93
C GLY A 152 -20.15 0.90 4.68
N LEU A 153 -18.80 1.00 4.74
CA LEU A 153 -18.01 2.21 4.39
C LEU A 153 -17.80 2.26 2.87
N GLN A 154 -18.31 3.26 2.19
CA GLN A 154 -18.23 3.30 0.71
C GLN A 154 -17.34 4.47 0.29
N GLY A 155 -16.70 5.15 1.24
CA GLY A 155 -15.65 6.16 0.94
C GLY A 155 -14.37 5.57 0.34
N PRO A 156 -13.30 6.37 0.17
CA PRO A 156 -12.03 5.87 -0.35
C PRO A 156 -11.54 4.68 0.46
N ASN A 157 -11.18 3.63 -0.26
CA ASN A 157 -10.87 2.29 0.29
C ASN A 157 -9.52 1.87 -0.27
N TYR A 158 -8.48 1.88 0.56
CA TYR A 158 -7.11 1.57 0.07
C TYR A 158 -6.22 1.12 1.21
N ALA A 159 -5.01 0.78 0.87
CA ALA A 159 -4.02 0.30 1.86
C ALA A 159 -2.65 0.73 1.39
N LEU A 160 -1.81 1.19 2.33
CA LEU A 160 -0.37 1.47 2.09
C LEU A 160 0.42 0.29 2.58
N THR A 161 1.55 0.05 1.92
CA THR A 161 2.62 -0.82 2.38
C THR A 161 3.92 -0.06 2.12
N THR A 162 4.47 0.52 3.19
CA THR A 162 5.75 1.28 3.21
C THR A 162 6.54 0.81 4.41
N ALA A 163 6.56 -0.51 4.61
CA ALA A 163 7.40 -1.21 5.59
C ALA A 163 7.17 -0.62 6.97
N GLN A 164 8.22 -0.29 7.70
CA GLN A 164 8.11 0.17 9.11
C GLN A 164 7.48 1.58 9.15
N THR A 165 7.19 2.20 8.00
CA THR A 165 6.58 3.56 7.98
C THR A 165 5.07 3.45 7.78
N THR A 166 4.55 2.24 7.54
CA THR A 166 3.20 2.00 7.00
C THR A 166 2.13 2.73 7.83
N GLY A 167 2.19 2.64 9.17
CA GLY A 167 1.13 3.17 10.05
C GLY A 167 1.11 4.69 10.02
N THR A 168 2.27 5.30 10.00
CA THR A 168 2.38 6.78 10.00
C THR A 168 1.82 7.30 8.66
N HIS A 169 2.31 6.78 7.55
CA HIS A 169 1.82 7.16 6.20
C HIS A 169 0.32 6.93 6.09
N SER A 170 -0.17 5.76 6.53
CA SER A 170 -1.61 5.42 6.43
C SER A 170 -2.44 6.54 7.06
N ILE A 171 -2.10 6.90 8.30
CA ILE A 171 -2.77 7.94 9.09
C ILE A 171 -2.63 9.28 8.35
N GLY A 172 -1.41 9.68 7.98
CA GLY A 172 -1.12 10.95 7.32
C GLY A 172 -1.93 11.16 6.06
N MET A 173 -1.93 10.17 5.18
N MET A 173 -1.97 10.17 5.18
CA MET A 173 -2.59 10.23 3.84
CA MET A 173 -2.63 10.33 3.86
C MET A 173 -4.11 10.23 4.00
C MET A 173 -4.16 10.25 4.01
N ALA A 174 -4.65 9.47 4.96
CA ALA A 174 -6.10 9.46 5.34
C ALA A 174 -6.52 10.89 5.78
N ALA A 175 -5.67 11.60 6.51
CA ALA A 175 -5.91 13.00 6.96
C ALA A 175 -5.96 13.91 5.73
N ARG A 176 -5.05 13.73 4.81
CA ARG A 176 -5.05 14.49 3.54
C ARG A 176 -6.37 14.23 2.81
N ASN A 177 -6.86 12.99 2.81
CA ASN A 177 -8.16 12.65 2.16
C ASN A 177 -9.26 13.55 2.72
N ILE A 178 -9.25 13.73 4.04
CA ILE A 178 -10.27 14.52 4.76
C ILE A 178 -9.96 16.00 4.52
N ALA A 179 -8.72 16.40 4.73
CA ALA A 179 -8.24 17.78 4.50
C ALA A 179 -8.75 18.28 3.15
N TYR A 180 -8.61 17.50 2.09
CA TYR A 180 -8.92 17.94 0.71
C TYR A 180 -10.37 17.66 0.34
N GLY A 181 -11.21 17.10 1.23
CA GLY A 181 -12.65 16.92 0.98
C GLY A 181 -13.00 15.65 0.21
N GLU A 182 -12.09 14.69 0.08
CA GLU A 182 -12.37 13.38 -0.57
C GLU A 182 -13.19 12.49 0.38
N ALA A 183 -13.17 12.79 1.68
CA ALA A 183 -13.90 12.04 2.72
C ALA A 183 -14.06 12.96 3.92
N ASP A 184 -15.05 12.69 4.78
CA ASP A 184 -15.21 13.42 6.05
C ASP A 184 -14.67 12.59 7.18
N VAL A 185 -14.61 11.27 6.99
CA VAL A 185 -14.18 10.32 8.04
C VAL A 185 -13.26 9.28 7.39
N MET A 186 -12.21 8.89 8.11
CA MET A 186 -11.38 7.74 7.68
C MET A 186 -10.99 6.94 8.92
N VAL A 187 -11.09 5.62 8.81
CA VAL A 187 -10.42 4.68 9.75
C VAL A 187 -9.04 4.38 9.16
N ALA A 188 -7.98 4.67 9.90
CA ALA A 188 -6.61 4.55 9.34
C ALA A 188 -5.64 4.08 10.41
N GLY A 189 -4.67 3.28 9.98
CA GLY A 189 -3.58 2.78 10.83
C GLY A 189 -2.88 1.64 10.15
N GLY A 190 -2.47 0.64 10.93
CA GLY A 190 -1.80 -0.55 10.38
C GLY A 190 -1.96 -1.75 11.27
N SER A 191 -1.60 -2.91 10.71
CA SER A 191 -1.57 -4.19 11.45
C SER A 191 -0.45 -5.04 10.87
N GLU A 192 0.13 -5.81 11.76
CA GLU A 192 1.26 -6.71 11.46
C GLU A 192 1.20 -7.95 12.33
N MET A 193 1.48 -9.11 11.72
N MET A 193 1.50 -9.08 11.70
CA MET A 193 1.79 -10.39 12.39
CA MET A 193 1.78 -10.39 12.35
C MET A 193 2.81 -11.12 11.52
C MET A 193 2.81 -11.11 11.50
N ALA A 194 4.09 -10.77 11.67
CA ALA A 194 5.19 -11.34 10.87
C ALA A 194 5.96 -12.39 11.69
N ALA A 195 5.48 -12.75 12.89
CA ALA A 195 6.13 -13.75 13.77
C ALA A 195 5.82 -15.17 13.27
N CYS A 196 6.30 -15.51 12.08
CA CYS A 196 6.35 -16.88 11.51
C CYS A 196 7.81 -17.20 11.18
N GLY A 197 8.10 -18.39 10.65
CA GLY A 197 9.46 -18.83 10.27
C GLY A 197 10.14 -17.85 9.34
N LEU A 198 9.48 -17.51 8.23
CA LEU A 198 9.99 -16.57 7.22
C LEU A 198 10.25 -15.20 7.85
N GLY A 199 9.38 -14.75 8.75
CA GLY A 199 9.54 -13.44 9.39
C GLY A 199 10.75 -13.42 10.31
N LEU A 200 10.76 -14.32 11.30
CA LEU A 200 11.91 -14.37 12.23
C LEU A 200 13.17 -14.85 11.51
N GLY A 201 13.04 -15.83 10.61
CA GLY A 201 14.16 -16.31 9.79
C GLY A 201 14.68 -15.19 8.89
N GLY A 202 13.78 -14.42 8.27
CA GLY A 202 14.18 -13.44 7.23
C GLY A 202 14.91 -12.29 7.90
N PHE A 203 14.34 -11.75 8.96
CA PHE A 203 15.00 -10.66 9.72
C PHE A 203 16.27 -11.20 10.39
N GLY A 204 16.22 -12.47 10.82
CA GLY A 204 17.38 -13.17 11.39
C GLY A 204 18.55 -13.29 10.42
N ALA A 205 18.30 -13.64 9.16
CA ALA A 205 19.28 -13.76 8.07
C ALA A 205 19.97 -12.42 7.84
N ALA A 206 19.23 -11.32 8.00
CA ALA A 206 19.75 -9.95 7.80
C ALA A 206 20.47 -9.50 9.08
N ARG A 207 20.41 -10.28 10.17
CA ARG A 207 21.07 -9.94 11.47
C ARG A 207 20.55 -8.59 12.00
N ALA A 208 19.26 -8.28 11.75
CA ALA A 208 18.52 -7.04 12.13
C ALA A 208 17.94 -7.14 13.55
N LEU A 209 17.73 -8.36 14.06
CA LEU A 209 17.02 -8.63 15.34
C LEU A 209 17.98 -8.71 16.53
N SER A 210 17.56 -8.28 17.71
CA SER A 210 18.25 -8.60 18.97
C SER A 210 18.28 -10.12 19.15
N THR A 211 19.41 -10.67 19.60
CA THR A 211 19.57 -12.12 19.88
C THR A 211 19.59 -12.36 21.40
N ARG A 212 19.08 -11.42 22.20
CA ARG A 212 19.10 -11.57 23.69
C ARG A 212 17.99 -12.54 24.15
N ASN A 213 18.12 -13.81 23.79
CA ASN A 213 17.08 -14.85 24.02
C ASN A 213 16.97 -15.10 25.51
N ASP A 214 18.04 -14.90 26.26
CA ASP A 214 18.06 -15.20 27.70
C ASP A 214 17.55 -14.06 28.57
N GLU A 215 17.31 -12.88 28.01
CA GLU A 215 16.63 -11.81 28.78
C GLU A 215 15.76 -10.98 27.83
N PRO A 216 14.65 -11.55 27.31
CA PRO A 216 13.86 -10.84 26.29
C PRO A 216 13.36 -9.44 26.70
N THR A 217 12.98 -9.21 27.96
CA THR A 217 12.39 -7.91 28.36
C THR A 217 13.46 -6.81 28.26
N ARG A 218 14.75 -7.15 28.23
CA ARG A 218 15.87 -6.16 28.20
C ARG A 218 16.43 -6.03 26.78
N ALA A 219 15.89 -6.78 25.83
CA ALA A 219 16.31 -6.81 24.41
C ALA A 219 16.20 -5.41 23.77
N SER A 220 15.00 -4.84 23.79
CA SER A 220 14.68 -3.53 23.15
C SER A 220 15.18 -2.43 24.09
N ARG A 221 16.26 -1.76 23.69
CA ARG A 221 16.98 -0.79 24.54
C ARG A 221 17.45 0.34 23.64
N PRO A 222 16.50 1.16 23.11
CA PRO A 222 16.84 2.26 22.21
C PRO A 222 17.85 3.22 22.86
N TRP A 223 18.93 3.53 22.13
CA TRP A 223 19.97 4.55 22.51
C TRP A 223 20.88 3.98 23.62
N ASP A 224 20.61 2.74 24.08
CA ASP A 224 21.50 2.06 25.04
C ASP A 224 22.74 1.54 24.29
N ARG A 225 23.93 1.68 24.87
CA ARG A 225 25.20 1.27 24.20
C ARG A 225 25.22 -0.26 23.95
N ASP A 226 24.36 -1.04 24.61
CA ASP A 226 24.39 -2.53 24.52
C ASP A 226 23.26 -3.02 23.61
N ARG A 227 22.66 -2.14 22.80
CA ARG A 227 21.58 -2.52 21.85
C ARG A 227 22.19 -3.35 20.71
N ASP A 228 21.41 -4.30 20.17
CA ASP A 228 21.93 -5.28 19.17
C ASP A 228 20.84 -5.65 18.16
N GLY A 229 19.90 -4.73 17.89
CA GLY A 229 18.84 -4.95 16.90
C GLY A 229 17.45 -4.78 17.49
N PHE A 230 16.45 -4.80 16.64
CA PHE A 230 15.07 -4.54 17.05
C PHE A 230 14.44 -5.88 17.47
N VAL A 231 13.30 -5.76 18.11
CA VAL A 231 12.51 -6.90 18.65
C VAL A 231 11.22 -6.92 17.84
N LEU A 232 10.88 -8.06 17.27
CA LEU A 232 9.73 -8.22 16.34
C LEU A 232 8.46 -8.38 17.17
N SER A 233 7.52 -7.47 16.99
CA SER A 233 6.23 -7.47 17.72
C SER A 233 5.05 -7.40 16.74
N ASP A 234 3.90 -7.88 17.22
CA ASP A 234 2.66 -8.10 16.46
C ASP A 234 1.59 -7.16 17.01
N GLY A 235 0.59 -6.84 16.20
CA GLY A 235 -0.56 -6.08 16.70
C GLY A 235 -1.13 -5.14 15.65
N SER A 236 -1.88 -4.13 16.13
N SER A 236 -1.92 -4.16 16.11
CA SER A 236 -2.73 -3.25 15.29
CA SER A 236 -2.65 -3.22 15.23
C SER A 236 -3.00 -1.92 15.99
C SER A 236 -2.97 -1.92 15.98
N GLY A 237 -3.05 -0.83 15.22
CA GLY A 237 -3.48 0.49 15.70
C GLY A 237 -4.46 1.01 14.67
N ALA A 238 -5.57 1.56 15.12
CA ALA A 238 -6.56 2.20 14.23
C ALA A 238 -7.03 3.48 14.91
N LEU A 239 -7.19 4.53 14.13
CA LEU A 239 -7.72 5.84 14.57
C LEU A 239 -8.91 6.19 13.67
N VAL A 240 -9.94 6.79 14.27
CA VAL A 240 -10.99 7.50 13.49
C VAL A 240 -10.54 8.96 13.36
N LEU A 241 -10.27 9.36 12.12
CA LEU A 241 -9.93 10.75 11.70
C LEU A 241 -11.22 11.34 11.14
N GLU A 242 -11.48 12.62 11.44
CA GLU A 242 -12.79 13.26 11.17
C GLU A 242 -12.56 14.75 10.90
N GLU A 243 -13.15 15.27 9.83
CA GLU A 243 -13.16 16.73 9.62
C GLU A 243 -13.69 17.37 10.90
N LEU A 244 -13.04 18.43 11.36
CA LEU A 244 -13.33 19.16 12.63
C LEU A 244 -14.82 19.51 12.74
N GLU A 245 -15.40 20.13 11.71
CA GLU A 245 -16.78 20.69 11.77
C GLU A 245 -17.76 19.51 11.81
N HIS A 246 -17.48 18.44 11.06
CA HIS A 246 -18.24 17.16 11.14
C HIS A 246 -18.17 16.66 12.58
N ALA A 247 -16.99 16.64 13.20
CA ALA A 247 -16.89 16.15 14.59
C ALA A 247 -17.77 17.05 15.47
N ARG A 248 -17.68 18.36 15.27
CA ARG A 248 -18.34 19.37 16.13
C ARG A 248 -19.85 19.22 16.03
N ALA A 249 -20.35 19.17 14.80
CA ALA A 249 -21.77 19.01 14.43
C ALA A 249 -22.39 17.86 15.24
N ARG A 250 -21.73 16.70 15.33
CA ARG A 250 -22.29 15.53 16.05
C ARG A 250 -21.84 15.52 17.52
N GLY A 251 -21.18 16.54 18.04
CA GLY A 251 -20.76 16.54 19.47
C GLY A 251 -19.78 15.42 19.80
N ALA A 252 -18.93 15.01 18.85
CA ALA A 252 -17.91 13.95 19.07
C ALA A 252 -16.93 14.41 20.16
N ARG A 253 -16.50 13.50 21.01
CA ARG A 253 -15.34 13.73 21.90
C ARG A 253 -14.10 13.73 21.01
N ILE A 254 -13.28 14.79 21.11
CA ILE A 254 -12.06 14.99 20.28
C ILE A 254 -10.84 14.78 21.18
N TYR A 255 -9.98 13.83 20.84
CA TYR A 255 -8.78 13.51 21.64
C TYR A 255 -7.68 14.56 21.36
N ALA A 256 -7.51 14.94 20.10
CA ALA A 256 -6.44 15.84 19.69
C ALA A 256 -6.65 16.19 18.22
N GLU A 257 -5.90 17.18 17.73
CA GLU A 257 -5.95 17.59 16.32
C GLU A 257 -4.68 17.08 15.65
N LEU A 258 -4.80 16.61 14.40
N LEU A 258 -4.81 16.63 14.40
CA LEU A 258 -3.68 16.22 13.51
CA LEU A 258 -3.70 16.22 13.50
C LEU A 258 -3.37 17.42 12.61
C LEU A 258 -3.36 17.41 12.59
N VAL A 259 -2.30 18.15 12.92
CA VAL A 259 -2.01 19.47 12.28
C VAL A 259 -0.95 19.34 11.18
N GLY A 260 -0.22 18.24 11.15
CA GLY A 260 1.04 18.12 10.39
C GLY A 260 1.31 16.71 9.96
N PHE A 261 1.65 16.59 8.68
CA PHE A 261 2.10 15.33 8.07
C PHE A 261 3.29 15.64 7.16
N GLY A 262 4.32 14.82 7.29
CA GLY A 262 5.53 14.90 6.48
C GLY A 262 5.93 13.54 5.96
N MET A 263 6.44 13.57 4.74
CA MET A 263 7.07 12.45 4.05
C MET A 263 8.32 13.00 3.38
N SER A 264 9.30 12.11 3.24
CA SER A 264 10.58 12.30 2.51
C SER A 264 11.13 10.91 2.27
N GLY A 265 11.87 10.74 1.16
CA GLY A 265 12.79 9.61 0.95
C GLY A 265 14.23 9.97 1.28
N ASP A 266 14.93 9.10 1.98
CA ASP A 266 16.40 9.17 2.18
C ASP A 266 17.10 9.18 0.82
N ALA A 267 16.71 8.28 -0.09
CA ALA A 267 17.42 8.06 -1.36
C ALA A 267 18.86 7.63 -1.04
N PHE A 268 19.05 6.97 0.10
CA PHE A 268 20.37 6.60 0.64
C PHE A 268 20.67 5.11 0.42
N HIS A 269 19.90 4.20 1.03
CA HIS A 269 20.20 2.75 1.12
C HIS A 269 18.89 1.93 1.28
N MET A 270 18.89 0.68 0.85
CA MET A 270 17.69 -0.21 0.88
C MET A 270 17.19 -0.40 2.31
N THR A 271 18.08 -0.49 3.30
CA THR A 271 17.70 -0.91 4.68
C THR A 271 18.39 -0.05 5.75
N ALA A 272 19.49 0.62 5.44
CA ALA A 272 20.27 1.42 6.42
C ALA A 272 19.85 2.88 6.33
N PRO A 273 19.73 3.59 7.46
CA PRO A 273 19.47 5.03 7.44
C PRO A 273 20.81 5.75 7.30
N PRO A 274 20.89 6.99 6.77
CA PRO A 274 22.14 7.72 6.81
C PRO A 274 22.47 8.07 8.27
N GLU A 275 23.74 8.01 8.65
CA GLU A 275 24.21 8.27 10.04
C GLU A 275 23.74 9.66 10.57
N ASP A 276 23.66 10.67 9.71
CA ASP A 276 23.32 12.09 10.07
C ASP A 276 21.80 12.30 10.17
N GLY A 277 20.98 11.31 9.85
CA GLY A 277 19.51 11.43 9.89
C GLY A 277 18.96 12.47 8.94
N ALA A 278 19.61 12.71 7.78
CA ALA A 278 19.24 13.79 6.82
C ALA A 278 17.80 13.60 6.32
N GLY A 279 17.35 12.36 6.12
CA GLY A 279 15.99 12.03 5.61
C GLY A 279 14.92 12.28 6.65
N ALA A 280 15.16 11.81 7.87
CA ALA A 280 14.31 12.09 9.05
C ALA A 280 14.20 13.62 9.26
N ALA A 281 15.29 14.35 9.08
CA ALA A 281 15.34 15.81 9.31
C ALA A 281 14.44 16.48 8.27
N ARG A 282 14.61 16.13 7.01
CA ARG A 282 13.74 16.69 5.93
C ARG A 282 12.28 16.39 6.25
N CYS A 283 11.97 15.15 6.63
CA CYS A 283 10.59 14.73 6.93
C CYS A 283 9.98 15.54 8.07
N MET A 284 10.67 15.65 9.19
CA MET A 284 10.21 16.42 10.36
C MET A 284 10.02 17.90 9.99
N LYS A 285 10.96 18.48 9.22
CA LYS A 285 10.83 19.88 8.77
C LYS A 285 9.60 20.04 7.87
N ASN A 286 9.33 19.09 6.97
CA ASN A 286 8.12 19.16 6.11
C ASN A 286 6.86 19.16 6.98
N ALA A 287 6.84 18.26 7.99
CA ALA A 287 5.69 18.08 8.90
C ALA A 287 5.46 19.37 9.73
N LEU A 288 6.53 20.01 10.21
CA LEU A 288 6.38 21.18 11.12
C LEU A 288 5.90 22.37 10.28
N ARG A 289 6.46 22.53 9.07
CA ARG A 289 6.04 23.57 8.12
C ARG A 289 4.57 23.35 7.74
N ASP A 290 4.19 22.10 7.41
CA ASP A 290 2.79 21.66 7.20
C ASP A 290 1.89 22.07 8.39
N ALA A 291 2.36 21.93 9.63
CA ALA A 291 1.55 22.31 10.81
C ALA A 291 1.59 23.84 11.07
N GLY A 292 2.36 24.64 10.35
CA GLY A 292 2.44 26.09 10.60
C GLY A 292 3.04 26.36 11.97
N LEU A 293 4.00 25.55 12.41
CA LEU A 293 4.59 25.68 13.77
C LEU A 293 6.01 26.27 13.76
N ASP A 294 6.33 26.89 14.90
CA ASP A 294 7.71 27.06 15.42
C ASP A 294 8.17 25.72 15.97
N PRO A 295 9.35 25.20 15.55
CA PRO A 295 9.89 23.95 16.07
C PRO A 295 9.96 23.95 17.59
N ARG A 296 10.09 25.12 18.23
CA ARG A 296 10.19 25.20 19.71
C ARG A 296 8.86 24.86 20.38
N GLN A 297 7.77 24.76 19.62
CA GLN A 297 6.45 24.37 20.19
C GLN A 297 6.45 22.87 20.50
N VAL A 298 7.33 22.10 19.87
CA VAL A 298 7.35 20.62 20.03
C VAL A 298 7.78 20.28 21.46
N ASP A 299 6.90 19.59 22.22
CA ASP A 299 7.13 19.24 23.64
C ASP A 299 7.61 17.80 23.78
N TYR A 300 7.05 16.91 22.95
CA TYR A 300 7.22 15.44 23.06
C TYR A 300 7.40 14.83 21.67
N ILE A 301 8.44 13.99 21.53
CA ILE A 301 8.61 13.17 20.31
C ILE A 301 8.47 11.69 20.67
N ASN A 302 7.56 10.98 20.03
CA ASN A 302 7.54 9.50 20.03
C ASN A 302 8.48 9.06 18.90
N ALA A 303 9.70 8.72 19.29
CA ALA A 303 10.78 8.34 18.33
C ALA A 303 10.40 7.05 17.57
N HIS A 304 11.02 6.86 16.42
CA HIS A 304 11.01 5.54 15.77
C HIS A 304 11.66 4.56 16.75
N GLY A 305 12.91 4.85 17.15
CA GLY A 305 13.60 4.25 18.32
C GLY A 305 13.59 2.73 18.30
N THR A 306 14.10 2.11 17.26
CA THR A 306 13.99 0.64 17.00
C THR A 306 14.96 -0.19 17.85
N SER A 307 16.00 0.42 18.42
CA SER A 307 17.05 -0.29 19.19
C SER A 307 18.08 -0.93 18.21
N THR A 308 18.22 -0.39 17.00
CA THR A 308 19.34 -0.71 16.08
C THR A 308 20.44 0.30 16.33
N PRO A 309 21.71 -0.15 16.24
CA PRO A 309 22.87 0.75 16.33
C PRO A 309 22.74 2.04 15.49
N ALA A 310 22.54 1.90 14.18
CA ALA A 310 22.55 3.04 13.25
C ALA A 310 21.22 3.83 13.31
N GLY A 311 20.05 3.19 13.41
CA GLY A 311 18.72 3.87 13.43
C GLY A 311 18.61 4.86 14.58
N ASP A 312 18.93 4.40 15.78
CA ASP A 312 18.80 5.18 17.03
C ASP A 312 19.64 6.45 16.95
N ILE A 313 20.88 6.37 16.51
CA ILE A 313 21.82 7.53 16.51
C ILE A 313 21.42 8.48 15.38
N ALA A 314 21.01 7.98 14.22
CA ALA A 314 20.54 8.81 13.09
C ALA A 314 19.45 9.77 13.60
N GLU A 315 18.56 9.26 14.44
CA GLU A 315 17.38 9.98 14.99
C GLU A 315 17.82 11.04 15.97
N ILE A 316 18.78 10.73 16.83
CA ILE A 316 19.41 11.81 17.64
C ILE A 316 19.91 12.90 16.69
N ALA A 317 20.73 12.54 15.70
CA ALA A 317 21.32 13.52 14.77
C ALA A 317 20.17 14.36 14.17
N ALA A 318 19.07 13.71 13.75
CA ALA A 318 17.96 14.39 13.03
C ALA A 318 17.29 15.40 13.96
N VAL A 319 17.02 14.98 15.20
CA VAL A 319 16.34 15.86 16.20
C VAL A 319 17.24 17.06 16.55
N LYS A 320 18.54 16.82 16.79
CA LYS A 320 19.51 17.94 17.03
C LYS A 320 19.52 18.93 15.85
N SER A 321 19.57 18.43 14.62
CA SER A 321 19.63 19.25 13.40
C SER A 321 18.31 20.04 13.22
N VAL A 322 17.14 19.45 13.47
CA VAL A 322 15.81 20.14 13.31
C VAL A 322 15.53 21.12 14.48
N PHE A 323 15.90 20.78 15.70
CA PHE A 323 15.43 21.54 16.87
C PHE A 323 16.53 22.38 17.52
N GLY A 324 17.79 22.26 17.09
CA GLY A 324 18.91 23.04 17.64
C GLY A 324 18.88 23.00 19.15
N GLU A 325 18.92 24.15 19.83
CA GLU A 325 19.00 24.15 21.32
C GLU A 325 17.69 23.61 21.92
N HIS A 326 16.58 23.67 21.18
CA HIS A 326 15.27 23.20 21.72
C HIS A 326 15.28 21.65 21.81
N ALA A 327 16.22 20.98 21.15
CA ALA A 327 16.43 19.52 21.26
C ALA A 327 16.70 19.14 22.72
N HIS A 328 17.23 20.08 23.52
CA HIS A 328 17.51 19.85 24.97
C HIS A 328 16.32 20.19 25.87
N ALA A 329 15.24 20.79 25.36
CA ALA A 329 14.04 21.15 26.17
C ALA A 329 12.96 20.09 25.99
N LEU A 330 12.70 19.64 24.76
CA LEU A 330 11.66 18.63 24.48
C LEU A 330 12.06 17.31 25.15
N SER A 331 11.12 16.38 25.23
CA SER A 331 11.26 14.98 25.73
C SER A 331 11.04 14.05 24.54
N MET A 332 11.94 13.08 24.34
CA MET A 332 11.82 12.08 23.27
C MET A 332 11.94 10.69 23.89
N SER A 333 10.98 9.83 23.60
CA SER A 333 11.04 8.44 24.08
C SER A 333 10.64 7.49 22.96
N SER A 334 11.09 6.24 23.11
CA SER A 334 10.68 5.11 22.25
C SER A 334 9.89 4.13 23.10
N THR A 335 8.60 3.98 22.78
CA THR A 335 7.70 2.98 23.41
C THR A 335 8.05 1.58 22.89
N LYS A 336 8.87 1.52 21.83
CA LYS A 336 9.48 0.25 21.33
C LYS A 336 10.34 -0.39 22.42
N SER A 337 10.90 0.41 23.34
CA SER A 337 11.55 -0.10 24.57
C SER A 337 10.64 -1.12 25.28
N MET A 338 9.31 -0.96 25.22
CA MET A 338 8.32 -1.85 25.92
C MET A 338 7.54 -2.73 24.95
N THR A 339 7.09 -2.19 23.81
CA THR A 339 6.20 -2.90 22.84
C THR A 339 7.01 -3.76 21.85
N GLY A 340 8.27 -3.43 21.63
CA GLY A 340 9.02 -3.90 20.45
C GLY A 340 8.51 -3.20 19.21
N HIS A 341 8.96 -3.67 18.05
CA HIS A 341 8.78 -3.02 16.73
C HIS A 341 7.64 -3.71 15.99
N LEU A 342 6.48 -3.08 15.91
CA LEU A 342 5.26 -3.70 15.33
C LEU A 342 5.28 -3.45 13.81
N LEU A 343 6.40 -2.95 13.29
CA LEU A 343 6.67 -2.84 11.83
C LEU A 343 5.58 -1.92 11.25
N GLY A 344 4.76 -2.41 10.35
CA GLY A 344 3.74 -1.54 9.70
C GLY A 344 2.69 -1.04 10.68
N ALA A 345 2.50 -1.71 11.82
CA ALA A 345 1.57 -1.25 12.88
C ALA A 345 2.27 -0.27 13.82
N ALA A 346 3.60 -0.19 13.80
CA ALA A 346 4.41 0.66 14.70
C ALA A 346 3.88 2.10 14.74
N GLY A 347 3.64 2.69 13.57
CA GLY A 347 3.30 4.11 13.42
C GLY A 347 1.89 4.36 13.90
N ALA A 348 1.04 3.32 13.81
CA ALA A 348 -0.37 3.34 14.25
C ALA A 348 -0.42 3.33 15.79
N VAL A 349 0.14 2.32 16.44
CA VAL A 349 0.09 2.30 17.94
C VAL A 349 0.80 3.54 18.49
N GLU A 350 1.88 4.00 17.84
CA GLU A 350 2.71 5.11 18.37
C GLU A 350 2.00 6.43 18.18
N ALA A 351 1.22 6.57 17.10
CA ALA A 351 0.32 7.72 16.92
C ALA A 351 -0.66 7.78 18.10
N ILE A 352 -1.21 6.62 18.52
CA ILE A 352 -2.17 6.52 19.65
C ILE A 352 -1.44 6.91 20.95
N PHE A 353 -0.20 6.45 21.12
CA PHE A 353 0.57 6.76 22.35
C PHE A 353 0.86 8.27 22.35
N SER A 354 1.03 8.87 21.18
CA SER A 354 1.35 10.32 21.03
C SER A 354 0.11 11.15 21.43
N VAL A 355 -1.08 10.73 20.99
CA VAL A 355 -2.38 11.36 21.37
C VAL A 355 -2.61 11.20 22.89
N LEU A 356 -2.28 10.08 23.48
CA LEU A 356 -2.51 9.87 24.93
C LEU A 356 -1.48 10.63 25.74
N ALA A 357 -0.29 10.89 25.21
CA ALA A 357 0.70 11.78 25.87
C ALA A 357 0.09 13.18 25.98
N LEU A 358 -0.67 13.61 24.96
CA LEU A 358 -1.35 14.92 24.94
C LEU A 358 -2.52 14.91 25.93
N ARG A 359 -3.34 13.87 25.95
CA ARG A 359 -4.51 13.78 26.86
C ARG A 359 -4.07 13.83 28.32
N ASP A 360 -3.00 13.11 28.65
CA ASP A 360 -2.65 12.76 30.06
C ASP A 360 -1.47 13.63 30.49
N GLN A 361 -0.85 14.35 29.56
CA GLN A 361 0.27 15.30 29.85
C GLN A 361 1.43 14.55 30.49
N VAL A 362 1.90 13.49 29.84
CA VAL A 362 2.97 12.62 30.38
C VAL A 362 3.76 12.09 29.18
N ALA A 363 5.09 12.07 29.30
CA ALA A 363 5.99 11.40 28.35
C ALA A 363 6.22 9.97 28.81
N PRO A 364 5.83 9.00 27.97
CA PRO A 364 6.13 7.59 28.22
C PRO A 364 7.63 7.33 28.31
N PRO A 365 8.07 6.37 29.15
CA PRO A 365 9.50 6.13 29.33
C PRO A 365 10.13 5.41 28.12
N THR A 366 11.44 5.58 27.95
CA THR A 366 12.30 4.60 27.24
C THR A 366 12.81 3.63 28.30
N ILE A 367 12.26 2.42 28.43
CA ILE A 367 12.79 1.45 29.44
C ILE A 367 14.12 0.89 28.92
N ASN A 368 14.95 0.39 29.83
CA ASN A 368 16.22 -0.33 29.51
C ASN A 368 17.35 0.63 29.09
N LEU A 369 17.15 1.95 29.23
CA LEU A 369 18.14 2.97 28.81
C LEU A 369 19.11 3.16 29.99
N ASP A 370 19.94 2.14 30.23
CA ASP A 370 20.82 2.06 31.42
C ASP A 370 22.08 2.88 31.16
N ASN A 371 22.60 2.88 29.93
CA ASN A 371 23.88 3.52 29.54
C ASN A 371 23.68 4.13 28.16
N PRO A 372 23.13 5.37 28.10
CA PRO A 372 22.95 6.08 26.85
C PRO A 372 24.26 6.06 26.04
N ASP A 373 24.18 5.90 24.73
CA ASP A 373 25.35 5.77 23.87
C ASP A 373 25.96 7.16 23.60
N GLU A 374 27.14 7.17 22.98
CA GLU A 374 27.89 8.40 22.60
C GLU A 374 26.93 9.32 21.83
N GLY A 375 26.74 10.55 22.31
CA GLY A 375 25.93 11.61 21.68
C GLY A 375 24.44 11.54 21.99
N CYS A 376 23.96 10.51 22.71
CA CYS A 376 22.53 10.31 23.05
C CYS A 376 22.21 11.02 24.36
N ASP A 377 22.29 12.35 24.36
CA ASP A 377 22.35 13.19 25.59
C ASP A 377 21.12 14.10 25.65
N LEU A 378 20.01 13.73 25.00
CA LEU A 378 18.74 14.50 25.08
C LEU A 378 17.93 13.95 26.26
N ASP A 379 16.83 14.61 26.62
CA ASP A 379 15.85 14.02 27.54
C ASP A 379 15.19 12.84 26.82
N LEU A 380 15.63 11.63 27.10
CA LEU A 380 15.08 10.42 26.48
C LEU A 380 14.14 9.72 27.45
N VAL A 381 13.74 10.39 28.52
CA VAL A 381 12.77 9.85 29.53
C VAL A 381 13.17 8.44 29.92
N ALA A 382 14.44 8.23 30.28
CA ALA A 382 14.96 6.91 30.72
C ALA A 382 14.13 6.36 31.88
N HIS A 383 13.74 5.09 31.80
CA HIS A 383 13.31 4.28 32.96
C HIS A 383 11.86 4.55 33.36
N GLU A 384 11.45 5.81 33.54
CA GLU A 384 10.16 6.19 34.20
C GLU A 384 9.39 7.26 33.42
N ALA A 385 8.06 7.13 33.38
CA ALA A 385 7.15 8.11 32.73
C ALA A 385 7.48 9.47 33.34
N LYS A 386 7.36 10.52 32.54
CA LYS A 386 7.63 11.90 33.00
C LYS A 386 6.40 12.79 32.76
N PRO A 387 5.63 13.12 33.82
CA PRO A 387 4.55 14.11 33.72
C PRO A 387 5.11 15.45 33.23
N ARG A 388 4.51 16.07 32.21
CA ARG A 388 5.03 17.38 31.75
C ARG A 388 4.03 18.03 30.81
N LYS A 389 4.29 19.31 30.53
CA LYS A 389 3.50 20.10 29.58
C LYS A 389 3.78 19.56 28.17
N ILE A 390 2.73 19.11 27.50
CA ILE A 390 2.76 18.67 26.08
C ILE A 390 1.59 19.33 25.37
N ASP A 391 1.87 20.37 24.60
CA ASP A 391 0.88 20.97 23.68
C ASP A 391 1.00 20.35 22.29
N VAL A 392 2.23 20.06 21.85
CA VAL A 392 2.53 19.49 20.51
C VAL A 392 3.40 18.23 20.65
N ALA A 393 2.94 17.13 20.06
CA ALA A 393 3.60 15.80 20.06
C ALA A 393 3.83 15.40 18.60
N LEU A 394 4.98 14.79 18.35
N LEU A 394 5.04 14.90 18.34
CA LEU A 394 5.47 14.38 17.01
CA LEU A 394 5.48 14.36 17.02
C LEU A 394 5.77 12.88 17.04
C LEU A 394 5.60 12.83 17.12
N SER A 395 5.31 12.13 16.04
CA SER A 395 5.50 10.68 15.95
C SER A 395 6.28 10.41 14.66
N ASN A 396 7.44 9.77 14.81
CA ASN A 396 8.35 9.50 13.66
C ASN A 396 8.34 8.00 13.33
N SER A 397 8.34 7.71 12.03
CA SER A 397 8.64 6.38 11.48
C SER A 397 9.62 6.52 10.31
N PHE A 398 10.50 5.54 10.17
N PHE A 398 10.55 5.58 10.20
CA PHE A 398 11.51 5.38 9.09
CA PHE A 398 11.44 5.40 9.02
C PHE A 398 11.49 3.90 8.66
C PHE A 398 11.44 3.91 8.65
N GLY A 399 11.60 3.63 7.35
CA GLY A 399 11.49 2.25 6.84
C GLY A 399 12.56 1.88 5.85
N PHE A 400 12.64 0.59 5.51
CA PHE A 400 13.37 0.10 4.33
C PHE A 400 12.90 0.88 3.10
N GLY A 401 13.84 1.18 2.21
CA GLY A 401 13.63 1.98 0.98
C GLY A 401 13.84 3.44 1.26
N GLY A 402 14.28 3.76 2.48
CA GLY A 402 14.59 5.12 2.93
C GLY A 402 13.34 5.97 2.99
N THR A 403 12.20 5.35 3.30
N THR A 403 12.21 5.29 3.23
CA THR A 403 10.86 6.01 3.33
CA THR A 403 10.88 5.89 3.46
C THR A 403 10.55 6.52 4.75
C THR A 403 10.89 6.63 4.80
N ASN A 404 10.29 7.82 4.88
CA ASN A 404 10.16 8.54 6.17
C ASN A 404 8.74 9.12 6.31
N GLY A 405 8.25 9.15 7.55
CA GLY A 405 6.93 9.71 7.92
C GLY A 405 6.98 10.43 9.25
N THR A 406 6.31 11.57 9.34
CA THR A 406 6.17 12.32 10.60
C THR A 406 4.72 12.75 10.76
N LEU A 407 4.14 12.51 11.92
CA LEU A 407 2.83 13.07 12.28
C LEU A 407 3.01 14.10 13.40
N VAL A 408 2.26 15.20 13.30
CA VAL A 408 2.20 16.27 14.33
C VAL A 408 0.75 16.41 14.82
N PHE A 409 0.59 16.26 16.11
CA PHE A 409 -0.69 16.30 16.82
C PHE A 409 -0.54 17.41 17.85
N ARG A 410 -1.61 18.13 18.16
CA ARG A 410 -1.65 19.07 19.30
C ARG A 410 -2.99 18.95 20.04
N ARG A 411 -3.00 19.35 21.32
CA ARG A 411 -4.21 19.52 22.13
C ARG A 411 -5.24 20.32 21.33
N PHE A 412 -6.50 19.88 21.42
CA PHE A 412 -7.67 20.66 20.92
C PHE A 412 -8.54 21.04 22.12
N ALA A 413 -8.93 22.32 22.25
CA ALA A 413 -9.87 22.85 23.28
C ALA A 413 -10.91 23.72 22.59
N SER B 2 -7.95 26.05 -4.76
CA SER B 2 -7.78 25.55 -6.15
C SER B 2 -6.82 24.36 -6.17
N ARG B 3 -6.15 24.11 -7.32
CA ARG B 3 -5.57 22.80 -7.69
C ARG B 3 -4.74 22.91 -8.98
N ARG B 4 -3.56 22.32 -9.00
CA ARG B 4 -2.67 22.41 -10.19
C ARG B 4 -3.04 21.31 -11.20
N ARG B 5 -2.71 21.54 -12.45
CA ARG B 5 -3.00 20.56 -13.52
C ARG B 5 -1.80 19.59 -13.64
N VAL B 6 -2.14 18.35 -13.99
CA VAL B 6 -1.22 17.17 -13.96
C VAL B 6 -1.22 16.52 -15.34
N VAL B 7 -0.05 16.43 -15.95
CA VAL B 7 0.09 15.82 -17.30
C VAL B 7 1.00 14.59 -17.21
N ILE B 8 0.92 13.77 -18.26
CA ILE B 8 1.75 12.54 -18.47
C ILE B 8 2.88 12.91 -19.45
N THR B 9 4.14 12.81 -19.01
CA THR B 9 5.34 13.21 -19.82
C THR B 9 6.26 12.01 -20.09
N GLY B 10 5.93 10.85 -19.53
CA GLY B 10 6.77 9.64 -19.65
C GLY B 10 5.96 8.41 -19.33
N MET B 11 6.18 7.34 -20.08
CA MET B 11 5.54 6.05 -19.83
C MET B 11 6.57 4.96 -20.05
N GLY B 12 6.43 3.87 -19.27
CA GLY B 12 7.25 2.66 -19.31
C GLY B 12 6.41 1.42 -19.04
N MET B 13 6.85 0.27 -19.51
CA MET B 13 5.99 -0.94 -19.46
C MET B 13 6.79 -2.21 -19.78
N LEU B 14 6.48 -3.26 -19.01
CA LEU B 14 6.66 -4.68 -19.40
C LEU B 14 5.27 -5.32 -19.44
N SER B 15 4.93 -5.93 -20.57
CA SER B 15 3.66 -6.68 -20.71
C SER B 15 3.93 -8.03 -21.37
N PRO B 16 2.93 -8.92 -21.35
CA PRO B 16 2.94 -10.12 -22.17
C PRO B 16 2.96 -9.82 -23.67
N LEU B 17 2.84 -8.54 -24.09
CA LEU B 17 2.88 -8.20 -25.54
C LEU B 17 4.25 -7.64 -25.94
N GLY B 18 5.12 -7.30 -24.97
CA GLY B 18 6.37 -6.60 -25.32
C GLY B 18 7.10 -6.06 -24.11
N LEU B 19 8.36 -5.67 -24.33
CA LEU B 19 9.31 -5.23 -23.26
C LEU B 19 9.34 -3.70 -23.20
N ASP B 20 8.45 -3.02 -23.93
CA ASP B 20 8.30 -1.54 -23.80
C ASP B 20 6.91 -1.15 -24.27
N VAL B 21 6.62 0.14 -24.21
CA VAL B 21 5.27 0.68 -24.55
C VAL B 21 5.00 0.44 -26.03
N PRO B 22 5.83 0.96 -26.96
CA PRO B 22 5.47 0.90 -28.37
C PRO B 22 5.28 -0.53 -28.85
N SER B 23 6.12 -1.50 -28.45
CA SER B 23 5.94 -2.92 -28.84
C SER B 23 4.60 -3.45 -28.25
N SER B 24 4.32 -3.24 -26.98
CA SER B 24 3.02 -3.61 -26.36
C SER B 24 1.85 -3.02 -27.17
N TRP B 25 1.86 -1.71 -27.40
CA TRP B 25 0.77 -0.97 -28.09
C TRP B 25 0.54 -1.51 -29.51
N GLU B 26 1.62 -1.83 -30.20
CA GLU B 26 1.57 -2.44 -31.55
C GLU B 26 0.80 -3.76 -31.45
N GLY B 27 1.07 -4.57 -30.42
CA GLY B 27 0.33 -5.82 -30.13
C GLY B 27 -1.15 -5.53 -29.93
N ILE B 28 -1.44 -4.56 -29.07
CA ILE B 28 -2.82 -4.14 -28.68
C ILE B 28 -3.61 -3.83 -29.97
N LEU B 29 -3.08 -2.94 -30.78
CA LEU B 29 -3.77 -2.44 -31.98
C LEU B 29 -3.88 -3.53 -33.05
N ALA B 30 -3.00 -4.54 -33.04
CA ALA B 30 -3.06 -5.71 -33.95
C ALA B 30 -3.97 -6.81 -33.39
N GLY B 31 -4.41 -6.73 -32.15
CA GLY B 31 -5.30 -7.75 -31.57
C GLY B 31 -4.55 -9.03 -31.28
N ARG B 32 -3.27 -8.92 -30.95
CA ARG B 32 -2.38 -10.07 -30.70
C ARG B 32 -2.58 -10.50 -29.25
N SER B 33 -2.58 -11.80 -28.96
CA SER B 33 -2.62 -12.34 -27.58
C SER B 33 -1.19 -12.50 -27.04
N GLY B 34 -0.98 -12.16 -25.78
CA GLY B 34 0.28 -12.45 -25.08
C GLY B 34 0.19 -13.75 -24.30
N ILE B 35 -0.91 -14.51 -24.45
CA ILE B 35 -1.22 -15.65 -23.54
C ILE B 35 -0.65 -16.95 -24.14
N ALA B 36 0.03 -17.73 -23.30
CA ALA B 36 0.69 -18.98 -23.72
C ALA B 36 0.88 -19.91 -22.51
N PRO B 37 1.07 -21.24 -22.73
CA PRO B 37 1.34 -22.12 -21.60
C PRO B 37 2.60 -21.59 -20.91
N ILE B 38 2.64 -21.70 -19.60
CA ILE B 38 3.76 -21.18 -18.77
C ILE B 38 4.93 -22.17 -18.86
N GLU B 39 6.12 -21.68 -19.20
CA GLU B 39 7.32 -22.53 -19.39
C GLU B 39 8.15 -22.52 -18.11
N HIS B 40 9.12 -23.44 -18.01
CA HIS B 40 10.09 -23.51 -16.90
C HIS B 40 9.29 -23.47 -15.58
N MET B 41 8.53 -24.52 -15.34
CA MET B 41 7.55 -24.60 -14.21
C MET B 41 6.59 -25.78 -14.45
N ASP B 42 6.53 -26.74 -13.53
CA ASP B 42 5.71 -27.97 -13.70
C ASP B 42 4.29 -27.66 -13.20
N LEU B 43 3.37 -27.43 -14.11
CA LEU B 43 1.98 -27.09 -13.73
C LEU B 43 1.06 -28.30 -13.93
N SER B 44 1.61 -29.52 -13.93
CA SER B 44 0.84 -30.78 -14.18
C SER B 44 -0.36 -30.87 -13.25
N ALA B 45 -0.18 -30.59 -11.96
CA ALA B 45 -1.21 -30.77 -10.92
C ALA B 45 -2.16 -29.56 -10.83
N TYR B 46 -2.03 -28.58 -11.73
CA TYR B 46 -2.77 -27.28 -11.74
C TYR B 46 -3.92 -27.35 -12.73
N SER B 47 -5.04 -26.70 -12.42
CA SER B 47 -6.22 -26.68 -13.32
C SER B 47 -6.02 -25.63 -14.44
N THR B 48 -5.11 -24.68 -14.23
CA THR B 48 -4.65 -23.68 -15.25
C THR B 48 -3.14 -23.84 -15.51
N ARG B 49 -2.72 -23.84 -16.78
CA ARG B 49 -1.33 -24.14 -17.22
C ARG B 49 -0.78 -23.02 -18.13
N PHE B 50 -1.53 -21.92 -18.26
CA PHE B 50 -1.18 -20.83 -19.18
C PHE B 50 -1.42 -19.48 -18.47
N GLY B 51 -0.90 -18.42 -19.07
CA GLY B 51 -1.09 -17.01 -18.68
C GLY B 51 -0.22 -16.11 -19.53
N GLY B 52 -0.13 -14.84 -19.14
CA GLY B 52 0.73 -13.84 -19.81
C GLY B 52 2.03 -13.66 -19.05
N SER B 53 3.11 -14.28 -19.53
CA SER B 53 4.49 -14.12 -18.99
C SER B 53 5.17 -12.98 -19.73
N VAL B 54 6.10 -12.30 -19.09
CA VAL B 54 6.97 -11.30 -19.80
C VAL B 54 8.06 -12.11 -20.53
N LYS B 55 8.19 -11.99 -21.84
CA LYS B 55 9.08 -12.87 -22.62
C LYS B 55 10.36 -12.12 -22.98
N GLY B 56 11.52 -12.64 -22.57
CA GLY B 56 12.83 -12.12 -23.03
C GLY B 56 13.35 -10.99 -22.15
N PHE B 57 12.89 -10.87 -20.91
CA PHE B 57 13.22 -9.70 -20.05
C PHE B 57 14.67 -9.83 -19.62
N ASN B 58 15.45 -8.79 -19.89
CA ASN B 58 16.87 -8.71 -19.52
C ASN B 58 17.04 -7.65 -18.42
N VAL B 59 17.02 -8.09 -17.15
CA VAL B 59 17.17 -7.17 -15.99
C VAL B 59 18.53 -6.44 -16.05
N GLU B 60 19.56 -7.01 -16.68
CA GLU B 60 20.91 -6.38 -16.71
C GLU B 60 20.94 -5.16 -17.64
N GLU B 61 19.88 -4.88 -18.43
CA GLU B 61 19.67 -3.54 -19.06
C GLU B 61 19.48 -2.45 -17.98
N TYR B 62 19.13 -2.82 -16.76
CA TYR B 62 18.69 -1.88 -15.71
C TYR B 62 19.64 -1.95 -14.53
N LEU B 63 19.98 -3.16 -14.08
CA LEU B 63 20.73 -3.40 -12.83
C LEU B 63 21.93 -4.29 -13.12
N SER B 64 22.94 -4.25 -12.24
CA SER B 64 24.00 -5.28 -12.18
C SER B 64 23.32 -6.60 -11.85
N ALA B 65 23.88 -7.72 -12.29
CA ALA B 65 23.41 -9.05 -11.87
C ALA B 65 23.35 -9.08 -10.33
N LYS B 66 24.33 -8.48 -9.66
CA LYS B 66 24.42 -8.60 -8.18
C LYS B 66 23.21 -7.93 -7.49
N GLU B 67 22.82 -6.72 -7.92
N GLU B 67 22.90 -6.69 -7.92
CA GLU B 67 21.66 -5.99 -7.35
CA GLU B 67 21.70 -5.89 -7.52
C GLU B 67 20.37 -6.72 -7.73
C GLU B 67 20.44 -6.74 -7.73
N ALA B 68 20.24 -7.20 -8.97
CA ALA B 68 19.03 -7.92 -9.44
C ALA B 68 18.80 -9.21 -8.62
N ARG B 69 19.87 -9.90 -8.17
CA ARG B 69 19.77 -11.15 -7.36
C ARG B 69 19.06 -10.83 -6.04
N LYS B 70 19.04 -9.57 -5.64
CA LYS B 70 18.53 -9.18 -4.31
C LYS B 70 17.02 -8.94 -4.37
N LEU B 71 16.42 -8.92 -5.58
CA LEU B 71 15.06 -8.34 -5.79
C LEU B 71 14.15 -9.36 -6.46
N ASP B 72 12.95 -9.53 -5.91
CA ASP B 72 11.87 -10.33 -6.54
C ASP B 72 11.66 -9.84 -7.98
N LEU B 73 11.27 -10.76 -8.86
CA LEU B 73 10.86 -10.38 -10.25
C LEU B 73 9.89 -9.18 -10.23
N PHE B 74 8.86 -9.13 -9.36
CA PHE B 74 7.85 -8.03 -9.41
C PHE B 74 8.57 -6.66 -9.23
N ILE B 75 9.63 -6.61 -8.40
CA ILE B 75 10.45 -5.40 -8.15
C ILE B 75 11.27 -5.10 -9.41
N GLN B 76 11.89 -6.11 -9.99
CA GLN B 76 12.67 -5.93 -11.24
C GLN B 76 11.76 -5.32 -12.30
N TYR B 77 10.53 -5.82 -12.40
CA TYR B 77 9.57 -5.37 -13.45
C TYR B 77 9.16 -3.91 -13.19
N GLY B 78 8.95 -3.55 -11.93
CA GLY B 78 8.56 -2.19 -11.56
C GLY B 78 9.69 -1.24 -11.88
N LEU B 79 10.91 -1.65 -11.57
CA LEU B 79 12.13 -0.84 -11.86
C LEU B 79 12.26 -0.67 -13.38
N ALA B 80 12.21 -1.73 -14.15
CA ALA B 80 12.25 -1.61 -15.63
C ALA B 80 11.29 -0.49 -16.10
N ALA B 81 10.01 -0.58 -15.76
CA ALA B 81 8.95 0.32 -16.27
C ALA B 81 9.27 1.76 -15.81
N SER B 82 9.71 1.90 -14.56
CA SER B 82 10.00 3.18 -13.90
C SER B 82 11.17 3.86 -14.63
N PHE B 83 12.27 3.12 -14.84
CA PHE B 83 13.47 3.60 -15.55
C PHE B 83 13.08 3.99 -16.99
N GLN B 84 12.22 3.20 -17.63
CA GLN B 84 11.76 3.53 -19.01
C GLN B 84 10.96 4.83 -18.96
N ALA B 85 10.07 4.99 -17.97
CA ALA B 85 9.15 6.15 -17.92
C ALA B 85 9.97 7.44 -17.77
N VAL B 86 10.86 7.47 -16.78
CA VAL B 86 11.73 8.63 -16.47
C VAL B 86 12.54 9.00 -17.71
N ARG B 87 13.20 8.03 -18.33
CA ARG B 87 13.97 8.22 -19.58
C ARG B 87 13.01 8.73 -20.67
N ASP B 88 11.82 8.15 -20.79
CA ASP B 88 10.80 8.60 -21.78
C ASP B 88 10.49 10.11 -21.56
N SER B 89 10.58 10.59 -20.30
CA SER B 89 10.13 11.94 -19.91
C SER B 89 11.19 12.99 -20.25
N GLY B 90 12.45 12.59 -20.39
CA GLY B 90 13.61 13.51 -20.53
C GLY B 90 13.89 14.28 -19.23
N LEU B 91 13.28 13.94 -18.10
CA LEU B 91 13.42 14.74 -16.87
C LEU B 91 14.88 14.69 -16.40
N GLU B 92 15.44 15.83 -16.03
CA GLU B 92 16.75 15.92 -15.34
C GLU B 92 16.53 16.15 -13.83
N VAL B 93 16.89 15.16 -13.00
CA VAL B 93 16.88 15.27 -11.51
C VAL B 93 18.07 16.13 -11.08
N THR B 94 17.82 17.17 -10.28
CA THR B 94 18.86 18.11 -9.79
C THR B 94 18.78 18.30 -8.28
N ASP B 95 19.81 18.90 -7.69
CA ASP B 95 19.75 19.30 -6.27
C ASP B 95 18.59 20.29 -6.11
N ALA B 96 18.22 21.02 -7.16
CA ALA B 96 17.18 22.07 -7.10
C ALA B 96 15.77 21.46 -7.12
N ASN B 97 15.58 20.20 -7.53
CA ASN B 97 14.22 19.64 -7.70
C ASN B 97 14.09 18.25 -7.09
N ARG B 98 15.18 17.63 -6.64
CA ARG B 98 15.09 16.21 -6.20
C ARG B 98 14.05 16.07 -5.07
N GLU B 99 13.83 17.11 -4.27
CA GLU B 99 12.93 16.99 -3.10
C GLU B 99 11.48 17.06 -3.58
N ARG B 100 11.25 17.44 -4.84
CA ARG B 100 9.90 17.65 -5.41
C ARG B 100 9.53 16.49 -6.34
N ILE B 101 10.36 15.44 -6.38
CA ILE B 101 10.15 14.23 -7.22
C ILE B 101 10.06 13.02 -6.29
N GLY B 102 8.96 12.30 -6.39
CA GLY B 102 8.64 11.16 -5.52
C GLY B 102 8.19 10.02 -6.36
N VAL B 103 7.85 8.90 -5.71
N VAL B 103 7.80 8.92 -5.71
CA VAL B 103 7.48 7.61 -6.35
CA VAL B 103 7.45 7.65 -6.40
C VAL B 103 6.33 6.96 -5.58
C VAL B 103 6.37 6.93 -5.60
N SER B 104 5.37 6.41 -6.31
CA SER B 104 4.30 5.55 -5.76
C SER B 104 4.10 4.41 -6.75
N MET B 105 4.91 3.38 -6.62
CA MET B 105 4.77 2.16 -7.42
C MET B 105 4.27 1.06 -6.47
N GLY B 106 3.23 0.38 -6.93
CA GLY B 106 2.50 -0.58 -6.08
C GLY B 106 2.53 -1.98 -6.65
N SER B 107 2.04 -2.92 -5.84
CA SER B 107 1.77 -4.31 -6.27
C SER B 107 0.57 -4.84 -5.48
N GLY B 108 -0.30 -5.62 -6.15
CA GLY B 108 -1.43 -6.32 -5.53
C GLY B 108 -0.98 -7.41 -4.57
N ILE B 109 0.02 -8.20 -4.98
CA ILE B 109 0.38 -9.50 -4.34
C ILE B 109 1.84 -9.56 -3.86
N GLY B 110 2.75 -8.80 -4.48
CA GLY B 110 4.13 -8.62 -3.97
C GLY B 110 4.98 -9.82 -4.30
N GLY B 111 5.82 -10.26 -3.35
CA GLY B 111 6.96 -11.14 -3.61
C GLY B 111 6.69 -12.62 -3.39
N LEU B 112 5.62 -13.15 -3.97
CA LEU B 112 5.23 -14.60 -3.92
C LEU B 112 6.32 -15.53 -4.41
N THR B 113 6.95 -15.22 -5.55
CA THR B 113 8.01 -16.05 -6.17
C THR B 113 9.17 -16.20 -5.19
N ASN B 114 9.62 -15.08 -4.61
N ASN B 114 9.58 -15.10 -4.56
CA ASN B 114 10.68 -15.04 -3.58
CA ASN B 114 10.70 -15.11 -3.59
C ASN B 114 10.23 -15.82 -2.34
C ASN B 114 10.25 -15.80 -2.30
N ILE B 115 9.03 -15.53 -1.84
CA ILE B 115 8.46 -16.20 -0.63
C ILE B 115 8.49 -17.71 -0.82
N GLU B 116 8.11 -18.15 -2.00
CA GLU B 116 8.03 -19.57 -2.43
C GLU B 116 9.42 -20.20 -2.43
N ASN B 117 10.40 -19.56 -3.08
CA ASN B 117 11.77 -20.12 -3.18
C ASN B 117 12.43 -20.14 -1.78
N ASN B 118 12.07 -19.23 -0.88
CA ASN B 118 12.68 -19.15 0.47
C ASN B 118 11.97 -20.14 1.41
N CYS B 119 10.68 -20.42 1.16
CA CYS B 119 9.89 -21.51 1.80
C CYS B 119 10.50 -22.87 1.51
N ARG B 120 10.85 -23.09 0.25
CA ARG B 120 11.61 -24.27 -0.22
C ARG B 120 12.78 -24.47 0.74
N SER B 121 13.73 -23.52 0.75
CA SER B 121 14.93 -23.54 1.61
C SER B 121 14.52 -23.74 3.08
N LEU B 122 13.51 -23.05 3.58
CA LEU B 122 13.11 -23.11 5.02
C LEU B 122 12.69 -24.54 5.40
N PHE B 123 11.81 -25.18 4.61
CA PHE B 123 11.16 -26.48 4.94
C PHE B 123 12.17 -27.60 4.75
N GLU B 124 12.93 -27.52 3.66
CA GLU B 124 13.98 -28.49 3.26
C GLU B 124 15.19 -28.50 4.21
N GLN B 125 15.73 -27.31 4.54
N GLN B 125 15.77 -27.33 4.54
CA GLN B 125 17.08 -27.16 5.14
CA GLN B 125 17.05 -27.28 5.28
C GLN B 125 17.06 -26.39 6.47
C GLN B 125 17.11 -26.14 6.30
N GLY B 126 15.96 -25.69 6.81
CA GLY B 126 15.90 -24.80 7.99
C GLY B 126 16.12 -23.31 7.69
N PRO B 127 15.91 -22.42 8.69
CA PRO B 127 15.98 -20.97 8.50
C PRO B 127 17.34 -20.38 8.10
N ARG B 128 18.43 -21.11 8.26
CA ARG B 128 19.78 -20.55 8.05
C ARG B 128 20.05 -20.52 6.54
N ARG B 129 19.15 -21.09 5.73
CA ARG B 129 19.20 -20.95 4.26
C ARG B 129 18.27 -19.84 3.75
N ILE B 130 17.60 -19.08 4.62
CA ILE B 130 16.80 -17.90 4.18
C ILE B 130 17.78 -16.78 3.78
N SER B 131 17.61 -16.24 2.57
CA SER B 131 18.44 -15.13 2.04
C SER B 131 18.39 -13.95 3.00
N PRO B 132 19.54 -13.26 3.22
CA PRO B 132 19.58 -12.01 3.96
C PRO B 132 18.74 -10.87 3.34
N PHE B 133 18.45 -10.97 2.04
CA PHE B 133 17.74 -9.90 1.28
C PHE B 133 16.28 -10.31 1.14
N PHE B 134 15.88 -11.39 1.80
CA PHE B 134 14.50 -11.91 1.74
C PHE B 134 13.48 -10.79 1.97
N VAL B 135 13.58 -10.08 3.09
CA VAL B 135 12.62 -9.02 3.49
C VAL B 135 12.68 -7.84 2.53
N PRO B 136 13.82 -7.10 2.42
CA PRO B 136 13.82 -5.88 1.63
C PRO B 136 13.67 -6.24 0.15
N GLY B 137 14.03 -7.48 -0.20
CA GLY B 137 13.98 -7.97 -1.59
C GLY B 137 12.59 -8.42 -2.02
N SER B 138 11.61 -8.45 -1.11
CA SER B 138 10.27 -9.06 -1.34
C SER B 138 9.13 -8.06 -1.03
N ILE B 139 9.35 -7.04 -0.22
CA ILE B 139 8.26 -6.13 0.26
C ILE B 139 7.94 -5.11 -0.83
N ILE B 140 6.68 -4.67 -0.83
CA ILE B 140 6.06 -4.03 -2.02
C ILE B 140 6.63 -2.63 -2.25
N ASN B 141 7.19 -2.00 -1.21
CA ASN B 141 7.62 -0.58 -1.29
C ASN B 141 9.04 -0.50 -1.82
N MET B 142 9.64 -1.63 -2.22
CA MET B 142 11.05 -1.61 -2.67
C MET B 142 11.16 -1.16 -4.13
N VAL B 143 10.08 -1.13 -4.92
CA VAL B 143 10.21 -0.47 -6.26
C VAL B 143 10.38 1.04 -6.01
N SER B 144 9.53 1.63 -5.20
CA SER B 144 9.63 3.05 -4.78
C SER B 144 10.98 3.26 -4.06
N GLY B 145 11.36 2.34 -3.18
CA GLY B 145 12.62 2.45 -2.43
C GLY B 145 13.81 2.45 -3.35
N PHE B 146 13.92 1.42 -4.18
CA PHE B 146 15.12 1.23 -5.02
C PHE B 146 15.14 2.36 -6.06
N LEU B 147 13.97 2.78 -6.53
CA LEU B 147 13.93 3.78 -7.61
C LEU B 147 14.43 5.11 -7.03
N SER B 148 13.92 5.50 -5.86
N SER B 148 13.89 5.49 -5.87
CA SER B 148 14.32 6.74 -5.15
CA SER B 148 14.29 6.69 -5.08
C SER B 148 15.83 6.72 -4.90
C SER B 148 15.81 6.71 -4.91
N ILE B 149 16.40 5.57 -4.52
CA ILE B 149 17.87 5.45 -4.26
C ILE B 149 18.63 5.55 -5.57
N HIS B 150 18.24 4.82 -6.61
CA HIS B 150 19.00 4.84 -7.87
C HIS B 150 19.05 6.29 -8.41
N LEU B 151 17.95 7.04 -8.33
CA LEU B 151 17.80 8.33 -9.07
C LEU B 151 17.96 9.54 -8.15
N GLY B 152 18.12 9.36 -6.84
CA GLY B 152 18.21 10.46 -5.87
C GLY B 152 16.90 11.18 -5.66
N LEU B 153 15.76 10.47 -5.71
CA LEU B 153 14.42 11.09 -5.53
C LEU B 153 14.11 11.22 -4.03
N GLN B 154 13.77 12.42 -3.59
CA GLN B 154 13.63 12.77 -2.14
C GLN B 154 12.20 13.25 -1.86
N GLY B 155 11.31 13.26 -2.87
CA GLY B 155 9.88 13.61 -2.66
C GLY B 155 9.09 12.44 -2.05
N PRO B 156 7.74 12.55 -1.98
CA PRO B 156 6.93 11.51 -1.33
C PRO B 156 7.30 10.12 -1.87
N ASN B 157 7.57 9.19 -0.96
N ASN B 157 7.52 9.18 -0.96
CA ASN B 157 7.99 7.81 -1.32
CA ASN B 157 8.02 7.81 -1.24
C ASN B 157 7.08 6.81 -0.62
C ASN B 157 7.09 6.78 -0.61
N TYR B 158 6.23 6.14 -1.40
CA TYR B 158 5.24 5.17 -0.87
C TYR B 158 4.80 4.19 -1.94
N ALA B 159 3.95 3.25 -1.50
CA ALA B 159 3.41 2.19 -2.35
C ALA B 159 2.00 1.88 -1.87
N LEU B 160 1.08 1.79 -2.83
CA LEU B 160 -0.28 1.26 -2.61
C LEU B 160 -0.28 -0.27 -2.83
N THR B 161 -1.17 -0.95 -2.14
CA THR B 161 -1.52 -2.36 -2.42
C THR B 161 -3.02 -2.44 -2.23
N THR B 162 -3.75 -2.34 -3.34
CA THR B 162 -5.22 -2.43 -3.40
C THR B 162 -5.57 -3.49 -4.43
N ALA B 163 -4.95 -4.68 -4.29
CA ALA B 163 -5.22 -5.85 -5.14
C ALA B 163 -5.22 -5.44 -6.61
N GLN B 164 -6.27 -5.77 -7.36
CA GLN B 164 -6.37 -5.51 -8.83
C GLN B 164 -6.61 -4.02 -9.13
N THR B 165 -6.71 -3.16 -8.12
CA THR B 165 -6.96 -1.69 -8.25
C THR B 165 -5.66 -0.89 -8.05
N THR B 166 -4.55 -1.56 -7.76
CA THR B 166 -3.30 -0.95 -7.26
C THR B 166 -2.83 0.11 -8.27
N GLY B 167 -2.66 -0.26 -9.54
CA GLY B 167 -2.06 0.65 -10.54
C GLY B 167 -2.86 1.93 -10.70
N THR B 168 -4.18 1.80 -10.68
CA THR B 168 -5.12 2.95 -10.82
C THR B 168 -5.05 3.83 -9.59
N HIS B 169 -5.09 3.24 -8.40
CA HIS B 169 -4.99 4.00 -7.14
C HIS B 169 -3.62 4.69 -7.08
N SER B 170 -2.54 4.02 -7.45
CA SER B 170 -1.16 4.58 -7.36
C SER B 170 -1.08 5.85 -8.23
N ILE B 171 -1.54 5.75 -9.45
CA ILE B 171 -1.47 6.87 -10.42
C ILE B 171 -2.39 8.01 -9.92
N GLY B 172 -3.61 7.68 -9.50
CA GLY B 172 -4.56 8.69 -9.04
C GLY B 172 -4.05 9.47 -7.84
N MET B 173 -3.55 8.75 -6.82
N MET B 173 -3.53 8.75 -6.84
CA MET B 173 -3.06 9.38 -5.56
CA MET B 173 -3.05 9.39 -5.57
C MET B 173 -1.77 10.17 -5.84
C MET B 173 -1.76 10.17 -5.84
N ALA B 174 -0.93 9.71 -6.78
CA ALA B 174 0.28 10.45 -7.23
C ALA B 174 -0.15 11.79 -7.83
N ALA B 175 -1.18 11.75 -8.69
CA ALA B 175 -1.78 12.92 -9.35
C ALA B 175 -2.24 13.90 -8.27
N ARG B 176 -2.87 13.41 -7.22
CA ARG B 176 -3.30 14.28 -6.10
C ARG B 176 -2.08 14.96 -5.48
N ASN B 177 -1.00 14.22 -5.27
CA ASN B 177 0.24 14.75 -4.65
C ASN B 177 0.66 16.01 -5.41
N ILE B 178 0.58 15.97 -6.74
CA ILE B 178 1.09 17.09 -7.58
C ILE B 178 0.04 18.19 -7.57
N ALA B 179 -1.21 17.82 -7.78
CA ALA B 179 -2.38 18.74 -7.73
C ALA B 179 -2.29 19.63 -6.51
N TYR B 180 -2.07 19.06 -5.34
CA TYR B 180 -2.18 19.78 -4.05
C TYR B 180 -0.84 20.32 -3.60
N GLY B 181 0.19 20.25 -4.45
CA GLY B 181 1.46 20.97 -4.30
C GLY B 181 2.45 20.24 -3.40
N GLU B 182 2.26 18.95 -3.14
CA GLU B 182 3.14 18.10 -2.28
C GLU B 182 4.35 17.60 -3.08
N ALA B 183 4.28 17.66 -4.41
CA ALA B 183 5.33 17.20 -5.33
C ALA B 183 5.11 17.87 -6.67
N ASP B 184 6.16 18.02 -7.49
CA ASP B 184 6.06 18.50 -8.89
C ASP B 184 6.09 17.34 -9.87
N VAL B 185 6.77 16.25 -9.52
CA VAL B 185 6.85 15.05 -10.41
C VAL B 185 6.56 13.84 -9.54
N MET B 186 5.85 12.90 -10.08
CA MET B 186 5.75 11.55 -9.42
C MET B 186 5.92 10.49 -10.51
N VAL B 187 6.66 9.42 -10.19
CA VAL B 187 6.63 8.13 -10.97
C VAL B 187 5.61 7.20 -10.32
N ALA B 188 4.61 6.76 -11.06
CA ALA B 188 3.47 6.02 -10.44
C ALA B 188 3.01 4.88 -11.32
N GLY B 189 2.50 3.83 -10.70
CA GLY B 189 2.00 2.64 -11.38
C GLY B 189 2.11 1.43 -10.48
N GLY B 190 2.32 0.28 -11.10
CA GLY B 190 2.40 -1.00 -10.37
C GLY B 190 3.12 -2.02 -11.19
N SER B 191 3.38 -3.14 -10.54
CA SER B 191 4.12 -4.28 -11.12
C SER B 191 3.68 -5.54 -10.40
N GLU B 192 3.81 -6.66 -11.07
CA GLU B 192 3.21 -7.90 -10.58
C GLU B 192 3.88 -9.07 -11.28
N MET B 193 4.10 -10.14 -10.52
N MET B 193 4.09 -10.13 -10.51
CA MET B 193 4.62 -11.44 -11.00
CA MET B 193 4.65 -11.44 -10.94
C MET B 193 4.10 -12.51 -10.02
C MET B 193 4.09 -12.52 -10.01
N ALA B 194 2.89 -13.02 -10.28
CA ALA B 194 2.17 -13.97 -9.39
C ALA B 194 1.94 -15.31 -10.11
N ALA B 195 2.55 -15.53 -11.28
CA ALA B 195 2.67 -16.88 -11.91
C ALA B 195 3.70 -17.72 -11.14
N CYS B 196 3.48 -17.95 -9.86
CA CYS B 196 4.11 -19.06 -9.13
C CYS B 196 3.02 -20.07 -8.78
N GLY B 197 3.42 -21.18 -8.18
CA GLY B 197 2.49 -22.18 -7.65
C GLY B 197 1.44 -21.48 -6.81
N LEU B 198 1.85 -20.49 -6.02
CA LEU B 198 0.98 -19.82 -5.05
C LEU B 198 -0.04 -18.92 -5.78
N GLY B 199 0.38 -18.22 -6.83
CA GLY B 199 -0.50 -17.33 -7.60
C GLY B 199 -1.46 -18.16 -8.39
N LEU B 200 -0.94 -19.07 -9.20
CA LEU B 200 -1.77 -20.01 -9.99
C LEU B 200 -2.60 -20.90 -9.06
N GLY B 201 -2.01 -21.45 -8.01
CA GLY B 201 -2.72 -22.34 -7.09
C GLY B 201 -3.76 -21.60 -6.29
N GLY B 202 -3.38 -20.43 -5.78
CA GLY B 202 -4.27 -19.58 -4.94
C GLY B 202 -5.54 -19.21 -5.68
N PHE B 203 -5.38 -18.60 -6.86
CA PHE B 203 -6.53 -18.18 -7.70
C PHE B 203 -7.26 -19.41 -8.21
N GLY B 204 -6.52 -20.47 -8.56
CA GLY B 204 -7.07 -21.77 -8.99
C GLY B 204 -7.95 -22.39 -7.93
N ALA B 205 -7.59 -22.29 -6.65
CA ALA B 205 -8.34 -22.92 -5.55
C ALA B 205 -9.69 -22.20 -5.36
N ALA B 206 -9.78 -20.91 -5.74
CA ALA B 206 -11.00 -20.07 -5.68
C ALA B 206 -11.80 -20.23 -6.97
N ARG B 207 -11.29 -21.03 -7.90
CA ARG B 207 -11.84 -21.25 -9.25
C ARG B 207 -12.09 -19.89 -9.90
N ALA B 208 -11.20 -18.94 -9.69
CA ALA B 208 -11.27 -17.58 -10.29
C ALA B 208 -10.76 -17.60 -11.72
N LEU B 209 -9.94 -18.61 -12.10
CA LEU B 209 -9.13 -18.65 -13.35
C LEU B 209 -9.87 -19.39 -14.47
N SER B 210 -9.75 -18.91 -15.71
CA SER B 210 -10.06 -19.69 -16.93
C SER B 210 -9.22 -20.97 -16.91
N THR B 211 -9.86 -22.12 -17.17
CA THR B 211 -9.21 -23.45 -17.33
C THR B 211 -9.21 -23.87 -18.80
N ARG B 212 -9.25 -22.95 -19.77
CA ARG B 212 -9.20 -23.24 -21.22
C ARG B 212 -7.76 -23.56 -21.67
N ASN B 213 -7.20 -24.68 -21.20
CA ASN B 213 -5.77 -25.05 -21.43
C ASN B 213 -5.57 -25.37 -22.91
N ASP B 214 -6.60 -25.89 -23.59
CA ASP B 214 -6.50 -26.25 -25.02
C ASP B 214 -6.27 -25.00 -25.87
N GLU B 215 -6.81 -23.83 -25.51
CA GLU B 215 -6.69 -22.66 -26.42
C GLU B 215 -6.40 -21.38 -25.63
N PRO B 216 -5.14 -21.22 -25.17
CA PRO B 216 -4.81 -20.16 -24.18
C PRO B 216 -5.14 -18.75 -24.70
N THR B 217 -4.96 -18.52 -26.01
CA THR B 217 -5.16 -17.20 -26.63
C THR B 217 -6.65 -16.82 -26.63
N ARG B 218 -7.56 -17.78 -26.46
CA ARG B 218 -9.03 -17.59 -26.51
C ARG B 218 -9.61 -17.56 -25.09
N ALA B 219 -8.80 -17.90 -24.07
CA ALA B 219 -9.28 -18.02 -22.67
C ALA B 219 -9.88 -16.69 -22.24
N SER B 220 -9.14 -15.58 -22.43
CA SER B 220 -9.57 -14.23 -21.97
C SER B 220 -10.57 -13.65 -22.99
N ARG B 221 -11.85 -13.67 -22.63
CA ARG B 221 -12.96 -13.35 -23.58
C ARG B 221 -14.01 -12.53 -22.82
N PRO B 222 -13.65 -11.28 -22.48
CA PRO B 222 -14.54 -10.41 -21.73
C PRO B 222 -15.87 -10.17 -22.48
N TRP B 223 -16.98 -10.32 -21.75
CA TRP B 223 -18.40 -10.13 -22.18
C TRP B 223 -18.85 -11.22 -23.16
N ASP B 224 -18.03 -12.24 -23.41
CA ASP B 224 -18.38 -13.40 -24.27
C ASP B 224 -19.09 -14.40 -23.36
N ARG B 225 -20.09 -15.07 -23.89
CA ARG B 225 -20.98 -15.93 -23.06
C ARG B 225 -20.23 -17.19 -22.62
N ASP B 226 -19.08 -17.49 -23.24
CA ASP B 226 -18.28 -18.71 -22.94
C ASP B 226 -17.12 -18.41 -21.97
N ARG B 227 -16.92 -17.17 -21.53
CA ARG B 227 -15.84 -16.81 -20.58
C ARG B 227 -15.98 -17.67 -19.34
N ASP B 228 -14.88 -18.00 -18.69
CA ASP B 228 -14.85 -18.96 -17.55
C ASP B 228 -13.82 -18.49 -16.52
N GLY B 229 -13.53 -17.19 -16.47
CA GLY B 229 -12.68 -16.60 -15.42
C GLY B 229 -11.47 -15.91 -16.04
N PHE B 230 -10.66 -15.25 -15.23
CA PHE B 230 -9.57 -14.37 -15.74
C PHE B 230 -8.31 -15.18 -16.07
N VAL B 231 -7.40 -14.51 -16.75
CA VAL B 231 -6.08 -15.06 -17.14
C VAL B 231 -5.03 -14.30 -16.36
N LEU B 232 -4.15 -15.04 -15.71
CA LEU B 232 -3.14 -14.45 -14.81
C LEU B 232 -1.93 -14.02 -15.65
N SER B 233 -1.55 -12.74 -15.54
CA SER B 233 -0.51 -12.12 -16.38
C SER B 233 0.45 -11.34 -15.49
N ASP B 234 1.65 -11.11 -16.01
CA ASP B 234 2.80 -10.51 -15.31
C ASP B 234 3.18 -9.22 -16.01
N GLY B 235 3.85 -8.34 -15.29
CA GLY B 235 4.42 -7.14 -15.96
C GLY B 235 4.34 -5.92 -15.10
N SER B 236 4.46 -4.77 -15.73
CA SER B 236 4.56 -3.43 -15.07
C SER B 236 4.18 -2.30 -16.01
N GLY B 237 3.61 -1.24 -15.42
CA GLY B 237 3.41 0.07 -16.02
C GLY B 237 3.87 1.16 -15.06
N ALA B 238 4.54 2.17 -15.61
CA ALA B 238 4.93 3.39 -14.89
C ALA B 238 4.64 4.57 -15.79
N LEU B 239 4.12 5.62 -15.19
CA LEU B 239 3.91 6.95 -15.81
C LEU B 239 4.70 7.96 -15.00
N VAL B 240 5.34 8.88 -15.73
CA VAL B 240 5.81 10.15 -15.13
C VAL B 240 4.64 11.12 -15.16
N LEU B 241 4.12 11.40 -13.99
CA LEU B 241 3.13 12.49 -13.78
C LEU B 241 3.92 13.75 -13.45
N GLU B 242 3.44 14.89 -13.94
CA GLU B 242 4.17 16.18 -13.83
C GLU B 242 3.15 17.32 -13.82
N GLU B 243 3.33 18.27 -12.91
CA GLU B 243 2.66 19.60 -12.93
C GLU B 243 2.86 20.28 -14.28
N LEU B 244 1.79 20.83 -14.82
CA LEU B 244 1.74 21.35 -16.22
C LEU B 244 2.74 22.49 -16.39
N GLU B 245 2.78 23.47 -15.50
CA GLU B 245 3.72 24.60 -15.69
C GLU B 245 5.15 24.07 -15.67
N HIS B 246 5.47 23.13 -14.76
CA HIS B 246 6.80 22.47 -14.70
C HIS B 246 7.11 21.77 -16.03
N ALA B 247 6.11 21.16 -16.66
CA ALA B 247 6.31 20.40 -17.91
C ALA B 247 6.57 21.37 -19.05
N ARG B 248 5.83 22.47 -19.10
CA ARG B 248 5.91 23.47 -20.20
C ARG B 248 7.24 24.22 -20.12
N ALA B 249 7.71 24.52 -18.90
CA ALA B 249 8.95 25.30 -18.65
C ALA B 249 10.18 24.57 -19.25
N ARG B 250 10.22 23.23 -19.19
CA ARG B 250 11.36 22.45 -19.69
C ARG B 250 11.04 21.90 -21.10
N GLY B 251 9.91 22.25 -21.72
CA GLY B 251 9.59 21.82 -23.09
C GLY B 251 9.35 20.30 -23.18
N ALA B 252 8.79 19.71 -22.14
CA ALA B 252 8.38 18.29 -22.10
C ALA B 252 7.39 17.99 -23.24
N ARG B 253 7.49 16.79 -23.79
CA ARG B 253 6.43 16.20 -24.64
C ARG B 253 5.33 15.74 -23.66
N ILE B 254 4.11 16.24 -23.83
CA ILE B 254 2.93 15.90 -23.01
C ILE B 254 2.08 14.93 -23.83
N TYR B 255 1.83 13.72 -23.32
CA TYR B 255 0.95 12.74 -23.99
C TYR B 255 -0.53 13.14 -23.82
N ALA B 256 -0.91 13.49 -22.61
CA ALA B 256 -2.32 13.71 -22.20
C ALA B 256 -2.29 14.31 -20.80
N GLU B 257 -3.45 14.79 -20.37
CA GLU B 257 -3.66 15.39 -19.04
C GLU B 257 -4.50 14.40 -18.22
N LEU B 258 -4.14 14.21 -16.95
CA LEU B 258 -4.96 13.48 -15.96
C LEU B 258 -5.88 14.51 -15.28
N VAL B 259 -7.18 14.50 -15.61
CA VAL B 259 -8.16 15.56 -15.22
C VAL B 259 -9.01 15.10 -14.03
N GLY B 260 -9.14 13.78 -13.81
CA GLY B 260 -10.11 13.17 -12.88
C GLY B 260 -9.60 11.87 -12.26
N PHE B 261 -9.93 11.68 -10.99
CA PHE B 261 -9.64 10.45 -10.25
C PHE B 261 -10.79 10.15 -9.31
N GLY B 262 -11.33 8.95 -9.42
CA GLY B 262 -12.37 8.43 -8.53
C GLY B 262 -11.89 7.20 -7.79
N MET B 263 -12.34 7.12 -6.55
CA MET B 263 -12.25 5.95 -5.65
C MET B 263 -13.65 5.72 -5.09
N SER B 264 -13.96 4.50 -4.73
CA SER B 264 -15.19 4.10 -4.02
C SER B 264 -14.96 2.71 -3.46
N GLY B 265 -15.68 2.38 -2.41
CA GLY B 265 -15.83 1.01 -1.91
C GLY B 265 -17.23 0.51 -2.20
N ASP B 266 -17.35 -0.68 -2.81
CA ASP B 266 -18.60 -1.46 -2.96
C ASP B 266 -19.23 -1.70 -1.57
N ALA B 267 -18.41 -2.02 -0.57
CA ALA B 267 -18.81 -2.54 0.76
C ALA B 267 -19.77 -3.72 0.56
N PHE B 268 -19.53 -4.55 -0.47
CA PHE B 268 -20.48 -5.59 -0.94
C PHE B 268 -19.97 -6.99 -0.53
N HIS B 269 -18.86 -7.45 -1.11
CA HIS B 269 -18.32 -8.83 -0.94
C HIS B 269 -16.80 -8.83 -1.10
N MET B 270 -16.12 -9.86 -0.58
CA MET B 270 -14.63 -9.96 -0.50
C MET B 270 -14.05 -10.07 -1.91
N THR B 271 -14.74 -10.74 -2.83
CA THR B 271 -14.17 -11.09 -4.16
C THR B 271 -15.14 -10.80 -5.30
N ALA B 272 -16.44 -10.75 -5.05
CA ALA B 272 -17.51 -10.60 -6.06
C ALA B 272 -17.98 -9.16 -6.05
N PRO B 273 -18.19 -8.55 -7.23
CA PRO B 273 -18.76 -7.21 -7.32
C PRO B 273 -20.27 -7.32 -7.20
N PRO B 274 -20.99 -6.25 -6.81
CA PRO B 274 -22.46 -6.26 -6.89
C PRO B 274 -22.94 -6.31 -8.35
N GLU B 275 -23.98 -7.10 -8.61
CA GLU B 275 -24.49 -7.44 -9.97
C GLU B 275 -24.77 -6.19 -10.79
N ASP B 276 -25.31 -5.15 -10.15
CA ASP B 276 -25.68 -3.84 -10.76
C ASP B 276 -24.45 -2.94 -10.90
N GLY B 277 -23.29 -3.32 -10.37
CA GLY B 277 -22.06 -2.52 -10.45
C GLY B 277 -22.28 -1.16 -9.82
N ALA B 278 -23.06 -1.11 -8.74
CA ALA B 278 -23.34 0.13 -7.99
C ALA B 278 -22.00 0.82 -7.64
N GLY B 279 -20.97 0.03 -7.33
CA GLY B 279 -19.67 0.54 -6.83
C GLY B 279 -18.90 1.20 -7.94
N ALA B 280 -18.74 0.50 -9.07
CA ALA B 280 -18.08 1.04 -10.27
C ALA B 280 -18.83 2.30 -10.72
N ALA B 281 -20.16 2.32 -10.57
CA ALA B 281 -21.00 3.47 -10.97
C ALA B 281 -20.65 4.70 -10.10
N ARG B 282 -20.60 4.56 -8.77
CA ARG B 282 -20.23 5.67 -7.86
C ARG B 282 -18.83 6.19 -8.16
N CYS B 283 -17.89 5.27 -8.31
CA CYS B 283 -16.47 5.58 -8.62
C CYS B 283 -16.37 6.43 -9.89
N MET B 284 -17.00 6.01 -10.97
CA MET B 284 -16.93 6.73 -12.27
C MET B 284 -17.56 8.13 -12.13
N LYS B 285 -18.74 8.22 -11.51
CA LYS B 285 -19.41 9.52 -11.21
C LYS B 285 -18.46 10.38 -10.38
N ASN B 286 -17.85 9.84 -9.32
CA ASN B 286 -16.86 10.61 -8.52
C ASN B 286 -15.71 11.04 -9.45
N ALA B 287 -15.22 10.17 -10.33
CA ALA B 287 -14.10 10.55 -11.23
C ALA B 287 -14.50 11.71 -12.16
N LEU B 288 -15.70 11.65 -12.73
CA LEU B 288 -16.17 12.67 -13.69
C LEU B 288 -16.46 13.99 -12.94
N ARG B 289 -17.06 13.93 -11.75
CA ARG B 289 -17.25 15.12 -10.89
C ARG B 289 -15.88 15.74 -10.64
N ASP B 290 -14.89 14.91 -10.30
CA ASP B 290 -13.51 15.35 -10.00
C ASP B 290 -12.96 16.12 -11.20
N ALA B 291 -13.29 15.69 -12.42
CA ALA B 291 -12.80 16.29 -13.67
C ALA B 291 -13.61 17.53 -14.08
N GLY B 292 -14.74 17.81 -13.41
CA GLY B 292 -15.72 18.81 -13.85
C GLY B 292 -16.33 18.41 -15.19
N LEU B 293 -16.46 17.13 -15.49
CA LEU B 293 -16.98 16.68 -16.80
C LEU B 293 -18.35 15.99 -16.64
N ASP B 294 -19.17 16.15 -17.67
N ASP B 294 -19.20 16.15 -17.65
CA ASP B 294 -20.48 15.48 -17.86
CA ASP B 294 -20.50 15.45 -17.75
C ASP B 294 -20.22 14.07 -18.40
C ASP B 294 -20.26 14.09 -18.40
N PRO B 295 -20.98 13.02 -17.99
CA PRO B 295 -20.84 11.70 -18.60
C PRO B 295 -20.86 11.71 -20.15
N ARG B 296 -21.60 12.64 -20.75
CA ARG B 296 -21.74 12.81 -22.22
C ARG B 296 -20.38 13.12 -22.87
N GLN B 297 -19.41 13.61 -22.12
CA GLN B 297 -18.11 14.01 -22.73
C GLN B 297 -17.17 12.80 -22.86
N VAL B 298 -17.51 11.64 -22.30
CA VAL B 298 -16.62 10.44 -22.33
C VAL B 298 -16.74 9.73 -23.69
N ASP B 299 -15.58 9.43 -24.28
CA ASP B 299 -15.51 8.82 -25.63
C ASP B 299 -15.05 7.37 -25.56
N TYR B 300 -14.16 7.05 -24.62
CA TYR B 300 -13.46 5.73 -24.57
C TYR B 300 -13.30 5.31 -23.11
N ILE B 301 -13.71 4.09 -22.81
CA ILE B 301 -13.46 3.42 -21.50
C ILE B 301 -12.59 2.19 -21.73
N ASN B 302 -11.45 2.14 -21.03
CA ASN B 302 -10.71 0.88 -20.86
C ASN B 302 -11.32 0.24 -19.63
N ALA B 303 -12.19 -0.73 -19.86
CA ALA B 303 -12.88 -1.55 -18.84
C ALA B 303 -11.86 -2.21 -17.94
N HIS B 304 -12.24 -2.60 -16.73
CA HIS B 304 -11.55 -3.66 -15.98
C HIS B 304 -11.60 -4.94 -16.83
N GLY B 305 -12.81 -5.36 -17.23
CA GLY B 305 -13.02 -6.39 -18.28
C GLY B 305 -12.22 -7.67 -18.07
N THR B 306 -12.28 -8.24 -16.86
CA THR B 306 -11.38 -9.32 -16.40
C THR B 306 -11.77 -10.67 -17.02
N SER B 307 -12.97 -10.83 -17.60
CA SER B 307 -13.44 -12.11 -18.19
C SER B 307 -13.98 -13.05 -17.09
N THR B 308 -14.37 -12.53 -15.93
CA THR B 308 -15.14 -13.30 -14.90
C THR B 308 -16.62 -13.17 -15.19
N PRO B 309 -17.45 -14.22 -14.95
CA PRO B 309 -18.89 -14.09 -15.13
C PRO B 309 -19.50 -12.79 -14.57
N ALA B 310 -19.35 -12.56 -13.26
CA ALA B 310 -20.04 -11.45 -12.56
C ALA B 310 -19.36 -10.10 -12.90
N GLY B 311 -18.03 -10.03 -12.95
CA GLY B 311 -17.27 -8.78 -13.18
C GLY B 311 -17.69 -8.09 -14.47
N ASP B 312 -17.73 -8.84 -15.57
CA ASP B 312 -18.01 -8.26 -16.91
C ASP B 312 -19.40 -7.65 -16.90
N ILE B 313 -20.41 -8.38 -16.38
CA ILE B 313 -21.83 -7.96 -16.38
C ILE B 313 -22.01 -6.74 -15.46
N ALA B 314 -21.38 -6.72 -14.28
CA ALA B 314 -21.43 -5.58 -13.34
C ALA B 314 -20.99 -4.28 -14.05
N GLU B 315 -19.99 -4.37 -14.92
N GLU B 315 -19.98 -4.39 -14.91
CA GLU B 315 -19.38 -3.19 -15.60
CA GLU B 315 -19.35 -3.26 -15.63
C GLU B 315 -20.31 -2.69 -16.71
C GLU B 315 -20.30 -2.71 -16.69
N ILE B 316 -21.01 -3.59 -17.40
CA ILE B 316 -22.06 -3.18 -18.38
C ILE B 316 -23.15 -2.40 -17.62
N ALA B 317 -23.64 -2.95 -16.53
CA ALA B 317 -24.69 -2.34 -15.68
C ALA B 317 -24.26 -0.93 -15.23
N ALA B 318 -23.01 -0.84 -14.77
CA ALA B 318 -22.43 0.42 -14.25
C ALA B 318 -22.39 1.47 -15.36
N VAL B 319 -21.87 1.12 -16.53
CA VAL B 319 -21.74 2.11 -17.64
C VAL B 319 -23.15 2.60 -18.03
N LYS B 320 -24.10 1.68 -18.21
CA LYS B 320 -25.49 2.00 -18.58
C LYS B 320 -26.08 2.96 -17.55
N SER B 321 -25.81 2.72 -16.27
CA SER B 321 -26.31 3.54 -15.15
C SER B 321 -25.69 4.93 -15.23
N VAL B 322 -24.38 5.02 -15.40
CA VAL B 322 -23.66 6.33 -15.39
C VAL B 322 -23.98 7.11 -16.67
N PHE B 323 -24.15 6.46 -17.81
CA PHE B 323 -24.04 7.19 -19.11
C PHE B 323 -25.38 7.27 -19.82
N GLY B 324 -26.44 6.61 -19.30
CA GLY B 324 -27.80 6.65 -19.84
C GLY B 324 -27.76 6.56 -21.35
N GLU B 325 -28.24 7.59 -22.05
CA GLU B 325 -28.43 7.59 -23.54
C GLU B 325 -27.08 7.84 -24.25
N HIS B 326 -25.98 8.01 -23.53
CA HIS B 326 -24.63 8.11 -24.12
C HIS B 326 -23.91 6.74 -24.08
N ALA B 327 -24.45 5.77 -23.37
CA ALA B 327 -23.77 4.47 -23.07
C ALA B 327 -23.36 3.73 -24.36
N HIS B 328 -24.07 3.90 -25.50
CA HIS B 328 -23.80 3.20 -26.77
C HIS B 328 -22.83 4.03 -27.62
N ALA B 329 -22.72 5.32 -27.34
CA ALA B 329 -21.92 6.28 -28.15
C ALA B 329 -20.44 6.08 -27.86
N LEU B 330 -20.08 6.02 -26.56
CA LEU B 330 -18.69 5.78 -26.14
C LEU B 330 -18.33 4.34 -26.57
N SER B 331 -17.07 4.13 -26.86
CA SER B 331 -16.48 2.79 -27.08
C SER B 331 -15.90 2.31 -25.74
N MET B 332 -16.10 1.04 -25.40
CA MET B 332 -15.53 0.39 -24.20
C MET B 332 -14.90 -0.95 -24.60
N SER B 333 -13.60 -1.12 -24.40
CA SER B 333 -12.88 -2.39 -24.69
C SER B 333 -12.12 -2.88 -23.46
N SER B 334 -11.86 -4.18 -23.42
CA SER B 334 -10.95 -4.81 -22.43
C SER B 334 -9.68 -5.23 -23.17
N THR B 335 -8.59 -4.57 -22.82
CA THR B 335 -7.24 -4.94 -23.30
C THR B 335 -6.81 -6.21 -22.56
N LYS B 336 -7.49 -6.59 -21.48
CA LYS B 336 -7.22 -7.88 -20.80
C LYS B 336 -7.53 -9.04 -21.74
N SER B 337 -8.32 -8.80 -22.80
CA SER B 337 -8.61 -9.83 -23.84
C SER B 337 -7.32 -10.27 -24.53
N MET B 338 -6.32 -9.39 -24.58
CA MET B 338 -4.99 -9.66 -25.16
C MET B 338 -3.89 -9.86 -24.09
N THR B 339 -3.88 -9.04 -23.04
CA THR B 339 -2.78 -9.01 -22.03
C THR B 339 -3.05 -10.01 -20.88
N GLY B 340 -4.32 -10.42 -20.72
CA GLY B 340 -4.83 -10.99 -19.47
C GLY B 340 -4.71 -10.00 -18.34
N HIS B 341 -4.74 -10.49 -17.13
CA HIS B 341 -4.99 -9.67 -15.93
C HIS B 341 -3.66 -9.52 -15.22
N LEU B 342 -3.02 -8.34 -15.25
CA LEU B 342 -1.72 -8.12 -14.54
C LEU B 342 -1.93 -7.79 -13.05
N LEU B 343 -3.14 -8.03 -12.53
CA LEU B 343 -3.54 -7.71 -11.13
C LEU B 343 -3.16 -6.26 -10.76
N GLY B 344 -2.27 -6.06 -9.77
CA GLY B 344 -1.88 -4.71 -9.35
C GLY B 344 -1.29 -3.85 -10.45
N ALA B 345 -0.78 -4.42 -11.54
CA ALA B 345 -0.16 -3.65 -12.66
C ALA B 345 -1.18 -3.43 -13.79
N ALA B 346 -2.31 -4.12 -13.75
CA ALA B 346 -3.44 -3.94 -14.70
C ALA B 346 -3.76 -2.45 -14.89
N GLY B 347 -3.94 -1.71 -13.81
CA GLY B 347 -4.37 -0.31 -13.95
C GLY B 347 -3.29 0.59 -14.53
N ALA B 348 -2.02 0.21 -14.34
CA ALA B 348 -0.86 0.99 -14.82
C ALA B 348 -0.78 0.84 -16.35
N VAL B 349 -0.74 -0.39 -16.84
CA VAL B 349 -0.61 -0.64 -18.29
C VAL B 349 -1.88 -0.11 -19.00
N GLU B 350 -3.06 -0.25 -18.38
CA GLU B 350 -4.36 0.13 -19.00
C GLU B 350 -4.52 1.66 -19.03
N ALA B 351 -3.97 2.38 -18.05
CA ALA B 351 -3.79 3.87 -18.08
C ALA B 351 -2.93 4.27 -19.27
N ILE B 352 -1.82 3.54 -19.53
CA ILE B 352 -0.90 3.87 -20.66
C ILE B 352 -1.68 3.64 -21.98
N PHE B 353 -2.42 2.54 -22.06
CA PHE B 353 -3.17 2.20 -23.29
C PHE B 353 -4.26 3.24 -23.47
N SER B 354 -4.80 3.82 -22.38
CA SER B 354 -5.89 4.84 -22.44
C SER B 354 -5.30 6.13 -22.98
N VAL B 355 -4.07 6.41 -22.57
CA VAL B 355 -3.32 7.63 -22.99
C VAL B 355 -2.97 7.48 -24.46
N LEU B 356 -2.58 6.29 -24.90
CA LEU B 356 -2.19 6.07 -26.32
C LEU B 356 -3.42 6.09 -27.21
N ALA B 357 -4.57 5.62 -26.73
CA ALA B 357 -5.88 5.75 -27.43
C ALA B 357 -6.15 7.22 -27.72
N LEU B 358 -5.82 8.11 -26.78
CA LEU B 358 -5.96 9.56 -27.00
C LEU B 358 -4.94 10.02 -28.05
N ARG B 359 -3.69 9.57 -27.95
CA ARG B 359 -2.65 10.08 -28.85
C ARG B 359 -3.02 9.66 -30.26
N ASP B 360 -3.55 8.45 -30.44
CA ASP B 360 -3.63 7.81 -31.78
C ASP B 360 -5.08 7.79 -32.28
N GLN B 361 -6.05 8.24 -31.47
CA GLN B 361 -7.48 8.33 -31.86
C GLN B 361 -7.96 6.96 -32.36
N VAL B 362 -7.82 5.93 -31.54
CA VAL B 362 -8.19 4.52 -31.86
C VAL B 362 -8.56 3.83 -30.57
N ALA B 363 -9.69 3.14 -30.57
CA ALA B 363 -10.12 2.26 -29.47
C ALA B 363 -9.52 0.88 -29.70
N PRO B 364 -8.76 0.36 -28.72
CA PRO B 364 -8.27 -1.01 -28.75
C PRO B 364 -9.43 -2.00 -28.79
N PRO B 365 -9.20 -3.17 -29.44
CA PRO B 365 -10.23 -4.19 -29.55
C PRO B 365 -10.42 -4.93 -28.22
N THR B 366 -11.62 -5.46 -28.02
CA THR B 366 -11.85 -6.64 -27.16
C THR B 366 -11.81 -7.87 -28.09
N ILE B 367 -10.69 -8.61 -28.14
CA ILE B 367 -10.58 -9.83 -29.00
C ILE B 367 -11.40 -10.94 -28.33
N ASN B 368 -11.77 -11.98 -29.10
CA ASN B 368 -12.44 -13.20 -28.57
C ASN B 368 -13.93 -12.93 -28.25
N LEU B 369 -14.45 -11.74 -28.56
CA LEU B 369 -15.86 -11.35 -28.25
C LEU B 369 -16.70 -11.86 -29.42
N ASP B 370 -16.91 -13.17 -29.45
CA ASP B 370 -17.50 -13.92 -30.59
C ASP B 370 -19.02 -13.94 -30.42
N ASN B 371 -19.49 -14.03 -29.17
CA ASN B 371 -20.94 -14.16 -28.80
C ASN B 371 -21.18 -13.38 -27.51
N PRO B 372 -21.37 -12.05 -27.64
CA PRO B 372 -21.65 -11.21 -26.49
C PRO B 372 -22.77 -11.85 -25.68
N ASP B 373 -22.65 -11.79 -24.37
CA ASP B 373 -23.59 -12.41 -23.42
C ASP B 373 -24.83 -11.50 -23.31
N GLU B 374 -25.87 -12.00 -22.64
CA GLU B 374 -27.12 -11.27 -22.36
C GLU B 374 -26.79 -9.86 -21.86
N GLY B 375 -27.27 -8.85 -22.56
CA GLY B 375 -27.23 -7.47 -22.07
C GLY B 375 -25.93 -6.77 -22.42
N CYS B 376 -24.99 -7.49 -23.05
CA CYS B 376 -23.65 -6.99 -23.48
C CYS B 376 -23.76 -6.42 -24.89
N ASP B 377 -24.55 -5.36 -25.05
CA ASP B 377 -24.92 -4.82 -26.38
C ASP B 377 -24.31 -3.43 -26.60
N LEU B 378 -23.44 -2.96 -25.71
CA LEU B 378 -22.66 -1.71 -25.89
C LEU B 378 -21.68 -1.88 -27.06
N ASP B 379 -20.97 -0.82 -27.42
CA ASP B 379 -19.87 -0.86 -28.41
C ASP B 379 -18.63 -1.34 -27.65
N LEU B 380 -18.34 -2.64 -27.69
CA LEU B 380 -17.24 -3.28 -26.94
C LEU B 380 -16.08 -3.51 -27.88
N VAL B 381 -16.09 -2.87 -29.05
CA VAL B 381 -14.95 -2.86 -30.01
C VAL B 381 -14.53 -4.33 -30.25
N ALA B 382 -15.51 -5.19 -30.57
CA ALA B 382 -15.24 -6.62 -30.84
C ALA B 382 -14.18 -6.79 -31.95
N HIS B 383 -13.18 -7.65 -31.71
CA HIS B 383 -12.22 -8.22 -32.68
C HIS B 383 -11.13 -7.24 -33.14
N GLU B 384 -11.46 -6.01 -33.51
CA GLU B 384 -10.53 -5.13 -34.27
C GLU B 384 -10.49 -3.72 -33.67
N ALA B 385 -9.32 -3.11 -33.63
CA ALA B 385 -9.12 -1.70 -33.26
C ALA B 385 -10.08 -0.82 -34.07
N LYS B 386 -10.65 0.22 -33.47
CA LYS B 386 -11.61 1.12 -34.13
C LYS B 386 -11.08 2.55 -34.06
N PRO B 387 -10.58 3.13 -35.16
CA PRO B 387 -10.26 4.55 -35.21
C PRO B 387 -11.54 5.37 -34.96
N ARG B 388 -11.48 6.38 -34.12
CA ARG B 388 -12.66 7.21 -33.79
C ARG B 388 -12.17 8.43 -33.06
N LYS B 389 -13.04 9.43 -32.90
CA LYS B 389 -12.73 10.63 -32.08
C LYS B 389 -12.67 10.25 -30.60
N ILE B 390 -11.61 10.64 -29.92
CA ILE B 390 -11.43 10.46 -28.46
C ILE B 390 -10.84 11.73 -27.86
N ASP B 391 -11.64 12.52 -27.14
CA ASP B 391 -11.16 13.68 -26.33
C ASP B 391 -10.93 13.25 -24.88
N VAL B 392 -11.74 12.30 -24.38
CA VAL B 392 -11.80 11.91 -22.93
C VAL B 392 -11.83 10.38 -22.86
N ALA B 393 -10.94 9.81 -22.03
CA ALA B 393 -10.76 8.35 -21.84
C ALA B 393 -10.80 8.02 -20.35
N LEU B 394 -11.58 7.03 -19.98
CA LEU B 394 -11.64 6.49 -18.59
C LEU B 394 -10.90 5.16 -18.56
N SER B 395 -10.22 4.91 -17.44
CA SER B 395 -9.64 3.61 -17.12
C SER B 395 -10.20 3.18 -15.79
N ASN B 396 -10.87 2.04 -15.75
CA ASN B 396 -11.51 1.52 -14.53
C ASN B 396 -10.72 0.30 -14.02
N SER B 397 -10.64 0.19 -12.70
CA SER B 397 -10.16 -0.99 -11.96
C SER B 397 -11.08 -1.23 -10.75
N PHE B 398 -11.50 -2.47 -10.60
CA PHE B 398 -12.37 -2.93 -9.49
C PHE B 398 -11.63 -4.13 -8.88
N GLY B 399 -11.32 -4.12 -7.59
CA GLY B 399 -10.54 -5.21 -6.96
C GLY B 399 -11.25 -5.85 -5.78
N PHE B 400 -10.66 -6.94 -5.29
CA PHE B 400 -11.09 -7.65 -4.06
C PHE B 400 -11.20 -6.62 -2.94
N GLY B 401 -12.10 -6.87 -2.00
CA GLY B 401 -12.51 -5.91 -0.96
C GLY B 401 -13.46 -4.86 -1.50
N GLY B 402 -13.86 -4.98 -2.77
CA GLY B 402 -14.79 -4.05 -3.44
C GLY B 402 -14.18 -2.68 -3.56
N THR B 403 -12.88 -2.63 -3.82
CA THR B 403 -12.12 -1.37 -3.95
C THR B 403 -12.16 -0.97 -5.43
N ASN B 404 -12.58 0.26 -5.72
CA ASN B 404 -12.81 0.74 -7.10
C ASN B 404 -11.87 1.93 -7.35
N GLY B 405 -11.42 2.04 -8.59
CA GLY B 405 -10.55 3.13 -9.02
C GLY B 405 -10.95 3.53 -10.43
N THR B 406 -11.03 4.84 -10.71
CA THR B 406 -11.25 5.36 -12.07
C THR B 406 -10.30 6.53 -12.34
N LEU B 407 -9.71 6.55 -13.52
CA LEU B 407 -8.87 7.67 -13.99
C LEU B 407 -9.53 8.25 -15.25
N VAL B 408 -9.55 9.59 -15.35
CA VAL B 408 -10.02 10.38 -16.52
C VAL B 408 -8.83 11.14 -17.06
N PHE B 409 -8.49 10.84 -18.31
CA PHE B 409 -7.48 11.49 -19.15
C PHE B 409 -8.22 12.23 -20.26
N ARG B 410 -7.62 13.33 -20.70
CA ARG B 410 -8.18 14.24 -21.72
C ARG B 410 -7.03 14.55 -22.68
N ARG B 411 -7.31 14.64 -24.00
CA ARG B 411 -6.34 15.17 -25.00
C ARG B 411 -5.77 16.49 -24.47
N PHE B 412 -4.47 16.71 -24.63
CA PHE B 412 -3.79 18.00 -24.30
C PHE B 412 -3.29 18.65 -25.59
N ALA B 413 -3.59 19.93 -25.83
CA ALA B 413 -3.17 20.72 -27.02
C ALA B 413 -3.55 22.20 -26.84
N1 UV7 C . 22.58 -10.05 22.19
C4 UV7 C . 22.67 -11.24 22.85
C5 UV7 C . 23.18 -9.63 24.33
N UV7 C . 22.88 -13.40 24.75
C UV7 C . 21.67 -15.49 24.31
O UV7 C . 20.72 -13.67 25.53
C1 UV7 C . 21.69 -14.10 24.92
C2 UV7 C . 23.16 -12.04 25.25
C3 UV7 C . 23.03 -11.00 24.20
N2 UV7 C . 22.89 -9.10 23.09
S DMS D . -3.89 17.24 7.55
O DMS D . -3.81 17.24 6.06
C1 DMS D . -2.32 17.79 8.19
C2 DMS D . -4.83 18.69 7.98
S DMS E . 16.18 26.22 17.90
O DMS E . 16.06 26.09 19.41
C1 DMS E . 14.61 25.73 17.20
C2 DMS E . 16.09 27.97 17.57
S DMS F . -3.65 -24.16 4.84
O DMS F . -3.56 -24.52 3.39
C1 DMS F . -2.93 -25.50 5.76
C2 DMS F . -5.35 -24.41 5.30
S DMS G . 18.68 1.86 -15.93
O DMS G . 18.21 3.17 -16.50
C1 DMS G . 20.31 1.64 -16.66
C2 DMS G . 19.22 2.24 -14.28
S DMS H . 22.68 17.51 -9.63
O DMS H . 22.16 18.93 -9.54
C1 DMS H . 23.24 17.33 -11.29
C2 DMS H . 24.24 17.51 -8.77
S DMS I . -5.63 15.58 -10.17
O DMS I . -6.05 15.70 -8.72
C1 DMS I . -6.71 14.38 -10.89
C2 DMS I . -6.31 16.99 -11.02
S DMS J . 16.36 -12.86 -2.36
O DMS J . 15.32 -13.61 -1.61
C1 DMS J . 17.38 -14.12 -3.08
C2 DMS J . 15.63 -12.28 -3.86
S DMS K . 12.58 3.59 -23.41
O DMS K . 12.57 3.81 -21.94
C1 DMS K . 11.74 2.06 -23.72
C2 DMS K . 14.21 3.09 -23.83
S DMS L . 15.83 -13.59 -7.45
O DMS L . 14.74 -12.84 -8.14
C1 DMS L . 16.98 -14.04 -8.72
C2 DMS L . 15.19 -15.22 -7.11
S DMS M . 18.14 11.50 -14.71
O DMS M . 18.48 12.78 -14.02
C1 DMS M . 19.60 10.48 -14.66
C2 DMS M . 18.19 11.86 -16.46
P PO4 N . 13.03 22.62 -11.47
O1 PO4 N . 14.39 23.00 -10.92
O2 PO4 N . 12.61 23.57 -12.60
O3 PO4 N . 13.08 21.18 -12.00
O4 PO4 N . 11.98 22.74 -10.36
#